data_1X9W
#
_entry.id   1X9W
#
_cell.length_a   105.944
_cell.length_b   213.559
_cell.length_c   52.168
_cell.angle_alpha   90.00
_cell.angle_beta   90.00
_cell.angle_gamma   90.00
#
_symmetry.space_group_name_H-M   'P 21 21 2'
#
loop_
_entity.id
_entity.type
_entity.pdbx_description
1 polymer "5'-D(*GP*GP*AP*GP*AP*GP*TP*GP*AP*TP*T*GP*GP*T*AP*GP*TP*GP*TP*GP*AP*(2DT))-3'"
2 polymer "5'-D(*CP*CP*CP*(AFG)*AP*TP*CP*AP*CP*AP*CP*TP*AP*CP*CP*AP*AP*TP*CP*AP*CP*TP*CP*TP*CP*C)-3'"
3 polymer 'DNA polymerase'
4 polymer 'Thioredoxin 1'
5 non-polymer 'MAGNESIUM ION'
6 water water
#
loop_
_entity_poly.entity_id
_entity_poly.type
_entity_poly.pdbx_seq_one_letter_code
_entity_poly.pdbx_strand_id
1 'polydeoxyribonucleotide'
;(DG)(DG)(DA)(DG)(DA)(DG)(DT)(DG)(DA)(DT)(DT)(DG)(DG)(DT)(DA)(DG)(DT)(DG)(DT)(DG)
(DA)(2DT)
;
C
2 'polydeoxyribonucleotide'
;(DC)(DC)(DC)(AFG)(DA)(DT)(DC)(DA)(DC)(DA)(DC)(DT)(DA)(DC)(DC)(DA)(DA)(DT)(DC)
(DA)(DC)(DT)(DC)(DT)(DC)(DC)
;
D
3 'polypeptide(L)'
;MIVSDIEANALLESVTKFHCGVIYDYSTAEYVSYRPSDFGAYLDALEAEVARGGLIVFHNGHKYDVPALTKLAKLQLNRE
FHLPRENCIDTLVLSRLIHSNLKDTDMGLLRSGKLPGALEAWGYRLGEMKGEYKDDFKRMLEEQGEEYVDGMEWWNFNEE
MMDYNVQDVVVTKALLEKLLSDKHYFPPEIDFTDVGYTTFWSESLEAVDIEHRAAWLLAKQERNGFPFDTKAIEELYVEL
AARRSELLRKLTETFGSWYQPKGGTEMFCHPRTGKPLPKYPRIKTPKVGGIFKKPKNKAQREGREPCELDTREYVAGAPY
TPVEHVVFNPSSRDHIQKKLQEAGWVPTKYTDKGAPVVDDEVLEGVRVDDPEKQAAIDLIKEYLMIQKRIGQSAEGDKAW
LRYVAEDGKIHGSVNPNGAVTGRATHAFPNLAQIPGVRSPYGEQCRAAFGAEHHLDGITGKPWVQAGIDASGLELRCLAH
FMARFDNGEYAHEILNGDIHTKNQIAAELPTRDNAKTFIYGFLYGAGDEKIGQIVGAGKERGKELKKKFLENTPAIAALR
ESIQQTLVESSQWVAGEQQVKWKRRWIKGLDGRKVHVRSPHAALNTLLQSAGALICKLWIIKTEEMLVEKGLKHGWDGDF
AYMAWVHDEIQVGCRTEEIAQVVIETAQEAMRWVGDHWNFRCLLDTEGKMGPNWAICH
;
A
4 'polypeptide(L)'
;SDKIIHLTDDSFDTDVLKADGAILVDFWAEWCGPCKMIAPILDEIADEYQGKLTVAKLNIDQNPGTAPKYGIRGIPTLLL
FKNGEVAATKVGALSKGQLKEFLDANLA
;
B
#
loop_
_chem_comp.id
_chem_comp.type
_chem_comp.name
_chem_comp.formula
2DT DNA linking 3'-DEOXYTHYMIDINE-5'-MONOPHOSPHATE 'C10 H15 N2 O7 P'
AFG DNA linking N-(5'-PHOSPHO-2'-DEOXYGUANOSIN-8-YL)-2-AMINOFLUORENE 'C23 H23 N6 O7 P'
DA DNA linking 2'-DEOXYADENOSINE-5'-MONOPHOSPHATE 'C10 H14 N5 O6 P'
DC DNA linking 2'-DEOXYCYTIDINE-5'-MONOPHOSPHATE 'C9 H14 N3 O7 P'
DG DNA linking 2'-DEOXYGUANOSINE-5'-MONOPHOSPHATE 'C10 H14 N5 O7 P'
DT DNA linking THYMIDINE-5'-MONOPHOSPHATE 'C10 H15 N2 O8 P'
MG non-polymer 'MAGNESIUM ION' 'Mg 2'
#
# COMPACT_ATOMS: atom_id res chain seq x y z
P 2DT A 22 1.52 7.77 13.81
OP1 2DT A 22 0.75 7.60 15.08
OP2 2DT A 22 1.61 9.11 13.18
O5' 2DT A 22 3.00 7.23 14.04
N1 2DT A 22 6.31 8.10 10.86
C6 2DT A 22 5.13 8.83 10.96
C2 2DT A 22 7.09 8.18 9.73
O2 2DT A 22 8.14 7.56 9.60
N3 2DT A 22 6.62 9.02 8.76
C4 2DT A 22 5.46 9.78 8.80
O4 2DT A 22 5.17 10.49 7.85
C5 2DT A 22 4.68 9.65 10.02
C5M 2DT A 22 3.42 10.44 10.15
C2' 2DT A 22 6.77 7.92 13.33
C5' 2DT A 22 3.79 6.92 12.91
C4' 2DT A 22 5.08 6.23 13.31
O4' 2DT A 22 5.82 6.15 12.07
C1' 2DT A 22 6.74 7.21 11.97
C3' 2DT A 22 5.99 7.00 14.26
N MET C 1 25.45 -28.88 12.97
CA MET C 1 24.50 -27.97 12.28
C MET C 1 23.78 -28.72 11.19
N ILE C 2 22.46 -28.56 11.15
CA ILE C 2 21.66 -29.22 10.13
C ILE C 2 20.80 -28.18 9.40
N VAL C 3 20.48 -28.48 8.16
CA VAL C 3 19.66 -27.59 7.34
C VAL C 3 18.39 -28.38 7.08
N SER C 4 17.23 -27.76 7.28
CA SER C 4 15.99 -28.48 7.06
C SER C 4 14.88 -27.65 6.42
N ASP C 5 13.83 -28.35 6.00
CA ASP C 5 12.65 -27.75 5.38
C ASP C 5 11.51 -28.75 5.42
N ILE C 6 10.28 -28.26 5.55
CA ILE C 6 9.16 -29.18 5.57
C ILE C 6 8.08 -28.79 4.59
N GLU C 7 7.24 -29.75 4.26
CA GLU C 7 6.12 -29.54 3.37
C GLU C 7 4.91 -29.98 4.17
N ALA C 8 3.91 -29.11 4.27
CA ALA C 8 2.69 -29.42 5.00
C ALA C 8 1.49 -28.99 4.15
N ASN C 9 0.29 -29.37 4.57
CA ASN C 9 -0.92 -29.10 3.79
C ASN C 9 -1.51 -27.70 3.74
N ALA C 10 -0.94 -26.73 4.43
CA ALA C 10 -1.52 -25.38 4.40
C ALA C 10 -0.69 -24.32 5.12
N LEU C 11 -1.12 -23.07 5.03
CA LEU C 11 -0.43 -21.99 5.73
C LEU C 11 -0.60 -22.27 7.22
N LEU C 12 0.24 -21.66 8.06
CA LEU C 12 0.19 -21.88 9.50
C LEU C 12 -1.20 -21.87 10.13
N GLU C 13 -1.98 -20.86 9.80
CA GLU C 13 -3.32 -20.68 10.34
C GLU C 13 -4.19 -21.93 10.28
N SER C 14 -4.06 -22.73 9.22
CA SER C 14 -4.88 -23.91 9.09
C SER C 14 -4.17 -25.22 8.77
N VAL C 15 -2.87 -25.30 9.03
CA VAL C 15 -2.13 -26.53 8.73
C VAL C 15 -2.56 -27.63 9.69
N THR C 16 -2.75 -28.84 9.15
CA THR C 16 -3.19 -29.98 9.95
C THR C 16 -2.34 -31.22 9.68
N LYS C 17 -1.62 -31.23 8.56
CA LYS C 17 -0.81 -32.39 8.25
C LYS C 17 0.59 -32.11 7.74
N PHE C 18 1.51 -32.89 8.27
CA PHE C 18 2.92 -32.85 7.88
C PHE C 18 2.95 -33.77 6.66
N HIS C 19 3.50 -33.32 5.54
CA HIS C 19 3.57 -34.18 4.38
C HIS C 19 4.95 -34.84 4.35
N CYS C 20 6.00 -34.02 4.42
CA CYS C 20 7.36 -34.54 4.41
C CYS C 20 8.35 -33.53 4.92
N GLY C 21 9.57 -33.99 5.17
CA GLY C 21 10.63 -33.12 5.64
C GLY C 21 11.97 -33.67 5.19
N VAL C 22 12.95 -32.78 5.07
CA VAL C 22 14.28 -33.21 4.67
C VAL C 22 15.30 -32.58 5.63
N ILE C 23 16.35 -33.34 5.94
CA ILE C 23 17.41 -32.85 6.80
C ILE C 23 18.78 -33.13 6.19
N TYR C 24 19.61 -32.10 6.13
CA TYR C 24 20.96 -32.26 5.63
C TYR C 24 21.79 -32.02 6.88
N ASP C 25 22.59 -33.01 7.25
CA ASP C 25 23.43 -32.90 8.43
C ASP C 25 24.88 -32.66 8.02
N TYR C 26 25.44 -31.54 8.46
CA TYR C 26 26.82 -31.21 8.13
C TYR C 26 27.83 -32.22 8.68
N SER C 27 27.52 -32.85 9.81
CA SER C 27 28.44 -33.81 10.41
C SER C 27 28.54 -35.12 9.63
N THR C 28 27.49 -35.43 8.84
CA THR C 28 27.48 -36.64 8.03
C THR C 28 27.53 -36.29 6.54
N ALA C 29 27.27 -35.03 6.23
CA ALA C 29 27.27 -34.56 4.85
C ALA C 29 26.15 -35.25 4.06
N GLU C 30 25.11 -35.70 4.76
CA GLU C 30 24.04 -36.39 4.08
C GLU C 30 22.63 -35.81 4.17
N TYR C 31 21.84 -36.15 3.16
CA TYR C 31 20.45 -35.74 3.07
C TYR C 31 19.57 -36.93 3.46
N VAL C 32 18.58 -36.67 4.31
CA VAL C 32 17.65 -37.72 4.72
C VAL C 32 16.24 -37.18 4.53
N SER C 33 15.42 -37.96 3.83
CA SER C 33 14.04 -37.61 3.57
C SER C 33 13.13 -38.29 4.58
N TYR C 34 12.06 -37.60 4.95
CA TYR C 34 11.08 -38.15 5.88
C TYR C 34 9.72 -37.99 5.23
N ARG C 35 9.02 -39.10 5.09
CA ARG C 35 7.70 -39.10 4.47
C ARG C 35 6.62 -38.96 5.55
N PRO C 36 5.34 -38.87 5.15
CA PRO C 36 4.30 -38.74 6.17
C PRO C 36 4.37 -39.60 7.43
N SER C 37 4.66 -40.89 7.29
CA SER C 37 4.73 -41.75 8.47
C SER C 37 6.05 -41.65 9.24
N ASP C 38 6.94 -40.75 8.80
CA ASP C 38 8.23 -40.56 9.46
C ASP C 38 8.23 -39.29 10.31
N PHE C 39 7.08 -38.65 10.44
CA PHE C 39 6.99 -37.41 11.20
C PHE C 39 7.65 -37.50 12.57
N GLY C 40 7.27 -38.48 13.38
CA GLY C 40 7.86 -38.62 14.69
C GLY C 40 9.38 -38.65 14.64
N ALA C 41 9.90 -39.39 13.68
CA ALA C 41 11.34 -39.52 13.48
C ALA C 41 11.97 -38.18 13.08
N TYR C 42 11.25 -37.42 12.26
CA TYR C 42 11.71 -36.10 11.82
C TYR C 42 11.89 -35.22 13.05
N LEU C 43 10.89 -35.18 13.91
CA LEU C 43 10.98 -34.38 15.13
C LEU C 43 12.12 -34.84 16.02
N ASP C 44 12.32 -36.15 16.10
CA ASP C 44 13.39 -36.69 16.94
C ASP C 44 14.74 -36.19 16.46
N ALA C 45 14.93 -36.15 15.16
CA ALA C 45 16.21 -35.70 14.63
C ALA C 45 16.48 -34.22 14.93
N LEU C 46 15.45 -33.40 14.95
CA LEU C 46 15.63 -31.98 15.27
C LEU C 46 15.96 -31.83 16.76
N GLU C 47 15.28 -32.59 17.60
CA GLU C 47 15.55 -32.49 19.03
C GLU C 47 16.93 -33.05 19.38
N ALA C 48 17.42 -34.02 18.61
CA ALA C 48 18.74 -34.59 18.86
C ALA C 48 19.78 -33.51 18.58
N GLU C 49 19.56 -32.70 17.55
CA GLU C 49 20.48 -31.62 17.21
C GLU C 49 20.45 -30.57 18.35
N VAL C 50 19.29 -30.38 18.97
CA VAL C 50 19.15 -29.45 20.09
C VAL C 50 19.89 -29.98 21.32
N ALA C 51 19.79 -31.29 21.56
CA ALA C 51 20.47 -31.90 22.69
C ALA C 51 22.00 -31.73 22.59
N ARG C 52 22.51 -31.77 21.37
CA ARG C 52 23.95 -31.58 21.14
C ARG C 52 24.36 -30.12 21.22
N GLY C 53 23.39 -29.23 21.44
CA GLY C 53 23.69 -27.80 21.50
C GLY C 53 24.03 -27.33 20.10
N GLY C 54 23.37 -27.93 19.11
CA GLY C 54 23.62 -27.58 17.73
C GLY C 54 22.73 -26.49 17.18
N LEU C 55 22.68 -26.41 15.86
CA LEU C 55 21.89 -25.39 15.19
C LEU C 55 21.04 -25.99 14.08
N ILE C 56 19.80 -25.53 13.98
CA ILE C 56 18.92 -25.99 12.92
C ILE C 56 18.68 -24.81 12.00
N VAL C 57 18.93 -25.00 10.69
CA VAL C 57 18.74 -23.93 9.73
C VAL C 57 17.49 -24.12 8.88
N PHE C 58 16.64 -23.11 8.83
CA PHE C 58 15.43 -23.15 8.03
C PHE C 58 15.44 -21.86 7.22
N HIS C 59 14.69 -21.84 6.13
CA HIS C 59 14.56 -20.60 5.36
C HIS C 59 13.12 -20.20 5.67
N ASN C 60 12.96 -19.13 6.44
CA ASN C 60 11.64 -18.63 6.86
C ASN C 60 11.04 -19.59 7.89
N GLY C 61 11.91 -20.24 8.66
CA GLY C 61 11.46 -21.16 9.67
C GLY C 61 10.89 -20.47 10.89
N HIS C 62 11.41 -19.29 11.21
CA HIS C 62 10.93 -18.54 12.38
C HIS C 62 9.44 -18.28 12.31
N LYS C 63 8.95 -17.88 11.12
CA LYS C 63 7.54 -17.60 10.94
C LYS C 63 6.72 -18.82 10.56
N TYR C 64 7.33 -19.81 9.92
CA TYR C 64 6.55 -20.97 9.50
C TYR C 64 6.91 -22.35 10.04
N ASP C 65 7.97 -22.97 9.52
CA ASP C 65 8.37 -24.31 9.93
C ASP C 65 8.41 -24.57 11.45
N VAL C 66 8.95 -23.63 12.22
CA VAL C 66 9.05 -23.85 13.66
C VAL C 66 7.69 -23.87 14.39
N PRO C 67 6.87 -22.83 14.22
CA PRO C 67 5.57 -22.85 14.90
C PRO C 67 4.67 -23.94 14.28
N ALA C 68 4.84 -24.20 12.99
CA ALA C 68 4.03 -25.22 12.33
C ALA C 68 4.29 -26.62 12.92
N LEU C 69 5.56 -26.93 13.17
CA LEU C 69 5.92 -28.21 13.74
C LEU C 69 5.35 -28.37 15.16
N THR C 70 5.36 -27.28 15.94
CA THR C 70 4.81 -27.32 17.29
C THR C 70 3.33 -27.66 17.19
N LYS C 71 2.62 -26.93 16.34
CA LYS C 71 1.20 -27.15 16.11
C LYS C 71 0.95 -28.56 15.60
N LEU C 72 1.67 -28.94 14.56
CA LEU C 72 1.49 -30.25 13.98
C LEU C 72 1.82 -31.40 14.91
N ALA C 73 2.88 -31.26 15.71
CA ALA C 73 3.25 -32.33 16.63
C ALA C 73 2.13 -32.56 17.66
N LYS C 74 1.52 -31.47 18.12
CA LYS C 74 0.44 -31.56 19.08
C LYS C 74 -0.78 -32.24 18.46
N LEU C 75 -1.19 -31.76 17.27
CA LEU C 75 -2.35 -32.31 16.59
C LEU C 75 -2.21 -33.76 16.12
N GLN C 76 -1.12 -34.07 15.42
CA GLN C 76 -0.93 -35.41 14.89
C GLN C 76 -0.37 -36.47 15.84
N LEU C 77 0.50 -36.06 16.75
CA LEU C 77 1.13 -37.01 17.64
C LEU C 77 0.90 -36.78 19.12
N ASN C 78 0.12 -35.75 19.46
CA ASN C 78 -0.11 -35.47 20.87
C ASN C 78 1.22 -35.19 21.57
N ARG C 79 2.21 -34.71 20.82
CA ARG C 79 3.52 -34.44 21.41
C ARG C 79 3.78 -32.96 21.62
N GLU C 80 4.51 -32.64 22.69
CA GLU C 80 4.90 -31.27 22.98
C GLU C 80 6.25 -31.13 22.26
N PHE C 81 6.33 -30.16 21.35
CA PHE C 81 7.55 -29.94 20.60
C PHE C 81 7.77 -28.44 20.47
N HIS C 82 8.89 -27.96 20.99
CA HIS C 82 9.19 -26.53 20.94
C HIS C 82 10.68 -26.27 20.73
N LEU C 83 11.11 -26.06 19.49
CA LEU C 83 12.53 -25.77 19.25
C LEU C 83 12.91 -24.46 19.94
N PRO C 84 13.99 -24.46 20.72
CA PRO C 84 14.35 -23.20 21.38
C PRO C 84 14.85 -22.16 20.38
N ARG C 85 14.54 -20.90 20.65
CA ARG C 85 14.95 -19.79 19.79
C ARG C 85 16.45 -19.82 19.48
N GLU C 86 17.28 -19.99 20.51
CA GLU C 86 18.74 -20.01 20.36
C GLU C 86 19.35 -21.11 19.47
N ASN C 87 18.59 -22.15 19.13
CA ASN C 87 19.09 -23.22 18.28
C ASN C 87 18.64 -23.06 16.81
N CYS C 88 17.95 -21.96 16.51
CA CYS C 88 17.43 -21.79 15.16
C CYS C 88 18.01 -20.64 14.34
N ILE C 89 18.35 -20.96 13.10
CA ILE C 89 18.88 -19.96 12.17
C ILE C 89 17.89 -19.87 11.01
N ASP C 90 17.67 -18.67 10.50
CA ASP C 90 16.73 -18.46 9.40
C ASP C 90 17.44 -17.70 8.25
N THR C 91 17.68 -18.38 7.14
CA THR C 91 18.36 -17.75 6.01
C THR C 91 17.59 -16.58 5.41
N LEU C 92 16.27 -16.57 5.56
CA LEU C 92 15.50 -15.44 5.05
C LEU C 92 15.84 -14.22 5.91
N VAL C 93 15.83 -14.40 7.22
CA VAL C 93 16.16 -13.33 8.16
C VAL C 93 17.60 -12.86 7.89
N LEU C 94 18.49 -13.82 7.62
CA LEU C 94 19.89 -13.52 7.34
C LEU C 94 20.00 -12.75 6.02
N SER C 95 19.23 -13.14 5.01
CA SER C 95 19.24 -12.48 3.71
C SER C 95 18.75 -11.05 3.82
N ARG C 96 17.71 -10.83 4.62
CA ARG C 96 17.16 -9.50 4.76
C ARG C 96 18.09 -8.56 5.51
N LEU C 97 19.03 -9.12 6.26
CA LEU C 97 19.97 -8.29 6.98
C LEU C 97 21.17 -7.98 6.09
N ILE C 98 21.73 -9.01 5.46
CA ILE C 98 22.91 -8.86 4.63
C ILE C 98 22.66 -8.21 3.27
N HIS C 99 21.46 -8.42 2.71
CA HIS C 99 21.08 -7.85 1.42
C HIS C 99 19.93 -6.88 1.68
N SER C 100 20.09 -6.04 2.69
CA SER C 100 19.05 -5.09 3.08
C SER C 100 18.73 -3.99 2.07
N ASN C 101 19.49 -3.97 0.98
CA ASN C 101 19.25 -2.98 -0.08
C ASN C 101 18.37 -3.59 -1.16
N LEU C 102 18.17 -4.90 -1.10
CA LEU C 102 17.34 -5.60 -2.08
C LEU C 102 15.98 -6.01 -1.53
N LYS C 103 14.98 -6.02 -2.40
CA LYS C 103 13.63 -6.43 -2.03
C LYS C 103 13.57 -7.94 -2.21
N ASP C 104 12.48 -8.56 -1.76
CA ASP C 104 12.26 -9.99 -1.96
C ASP C 104 10.75 -10.15 -2.05
N THR C 105 10.30 -11.29 -2.55
CA THR C 105 8.87 -11.53 -2.73
C THR C 105 8.12 -11.95 -1.46
N ASP C 106 8.83 -11.97 -0.34
CA ASP C 106 8.25 -12.36 0.95
C ASP C 106 7.64 -13.76 0.82
N MET C 107 8.42 -14.66 0.23
CA MET C 107 8.03 -16.04 0.03
C MET C 107 6.85 -16.27 -0.92
N GLY C 108 6.79 -15.48 -1.99
CA GLY C 108 5.72 -15.65 -2.96
C GLY C 108 4.43 -14.89 -2.72
N LEU C 109 4.37 -14.12 -1.64
CA LEU C 109 3.18 -13.34 -1.35
C LEU C 109 3.14 -12.07 -2.21
N LEU C 110 4.31 -11.68 -2.71
CA LEU C 110 4.44 -10.50 -3.56
C LEU C 110 4.96 -10.97 -4.90
N ARG C 111 4.39 -10.45 -5.98
CA ARG C 111 4.82 -10.84 -7.32
C ARG C 111 6.15 -10.17 -7.66
N SER C 112 7.11 -10.99 -8.04
CA SER C 112 8.45 -10.54 -8.40
C SER C 112 8.47 -9.38 -9.39
N GLY C 113 7.58 -9.45 -10.38
CA GLY C 113 7.51 -8.42 -11.41
C GLY C 113 7.38 -6.97 -10.97
N LYS C 114 6.55 -6.70 -9.97
CA LYS C 114 6.33 -5.33 -9.50
C LYS C 114 7.42 -4.81 -8.56
N LEU C 115 8.31 -5.71 -8.13
CA LEU C 115 9.38 -5.32 -7.22
C LEU C 115 10.49 -4.60 -7.97
N PRO C 116 10.97 -3.48 -7.41
CA PRO C 116 12.05 -2.76 -8.09
C PRO C 116 13.41 -3.40 -7.80
N GLY C 117 14.39 -3.11 -8.63
CA GLY C 117 15.74 -3.62 -8.46
C GLY C 117 15.93 -5.10 -8.71
N ALA C 118 17.12 -5.60 -8.39
CA ALA C 118 17.45 -7.00 -8.57
C ALA C 118 17.04 -7.83 -7.34
N LEU C 119 17.00 -9.15 -7.51
CA LEU C 119 16.64 -10.05 -6.42
C LEU C 119 17.73 -11.10 -6.25
N GLU C 120 18.07 -11.43 -5.01
CA GLU C 120 19.09 -12.44 -4.76
C GLU C 120 18.56 -13.76 -5.34
N ALA C 121 19.38 -14.44 -6.13
CA ALA C 121 18.96 -15.67 -6.82
C ALA C 121 18.42 -16.88 -6.05
N TRP C 122 19.13 -17.33 -5.01
CA TRP C 122 18.67 -18.52 -4.27
C TRP C 122 17.40 -18.21 -3.52
N GLY C 123 17.35 -17.01 -2.95
CA GLY C 123 16.18 -16.59 -2.20
C GLY C 123 15.01 -16.46 -3.15
N TYR C 124 15.28 -16.11 -4.40
CA TYR C 124 14.21 -15.98 -5.37
C TYR C 124 13.67 -17.37 -5.70
N ARG C 125 14.56 -18.34 -5.83
CA ARG C 125 14.19 -19.72 -6.13
C ARG C 125 13.32 -20.28 -5.01
N LEU C 126 13.70 -20.00 -3.77
CA LEU C 126 12.96 -20.48 -2.62
C LEU C 126 11.57 -19.86 -2.58
N GLY C 127 11.48 -18.58 -2.86
CA GLY C 127 10.19 -17.90 -2.84
C GLY C 127 9.24 -18.32 -3.95
N GLU C 128 9.78 -18.83 -5.06
CA GLU C 128 8.95 -19.26 -6.19
C GLU C 128 8.58 -20.73 -6.17
N MET C 129 9.22 -21.50 -5.30
CA MET C 129 8.98 -22.93 -5.19
C MET C 129 7.53 -23.39 -5.17
N LYS C 130 6.69 -22.77 -4.35
CA LYS C 130 5.28 -23.17 -4.29
C LYS C 130 4.61 -22.97 -5.65
N GLY C 131 4.91 -21.86 -6.31
CA GLY C 131 4.32 -21.60 -7.61
C GLY C 131 4.80 -22.57 -8.68
N GLU C 132 6.08 -22.92 -8.63
CA GLU C 132 6.64 -23.85 -9.59
C GLU C 132 6.10 -25.27 -9.38
N TYR C 133 5.89 -25.63 -8.12
CA TYR C 133 5.36 -26.95 -7.78
C TYR C 133 3.93 -26.99 -8.30
N LYS C 134 3.22 -25.87 -8.15
CA LYS C 134 1.85 -25.78 -8.62
C LYS C 134 1.80 -25.95 -10.14
N ASP C 135 2.65 -25.23 -10.86
CA ASP C 135 2.68 -25.32 -12.31
C ASP C 135 2.92 -26.74 -12.80
N ASP C 136 3.85 -27.45 -12.16
CA ASP C 136 4.17 -28.83 -12.51
C ASP C 136 2.95 -29.70 -12.27
N PHE C 137 2.36 -29.54 -11.08
CA PHE C 137 1.20 -30.31 -10.70
C PHE C 137 0.09 -30.15 -11.75
N LYS C 138 -0.24 -28.91 -12.08
CA LYS C 138 -1.27 -28.61 -13.05
C LYS C 138 -1.00 -29.20 -14.43
N ARG C 139 0.22 -29.07 -14.94
CA ARG C 139 0.49 -29.63 -16.25
C ARG C 139 0.60 -31.14 -16.21
N MET C 140 0.97 -31.71 -15.07
CA MET C 140 1.04 -33.16 -14.95
C MET C 140 -0.40 -33.68 -14.96
N LEU C 141 -1.31 -32.91 -14.37
CA LEU C 141 -2.72 -33.28 -14.32
C LEU C 141 -3.30 -33.27 -15.74
N GLU C 142 -3.20 -32.13 -16.41
CA GLU C 142 -3.73 -31.96 -17.77
C GLU C 142 -3.29 -33.09 -18.68
N GLU C 143 -2.08 -33.60 -18.47
CA GLU C 143 -1.55 -34.71 -19.27
C GLU C 143 -2.49 -35.91 -19.13
N GLN C 144 -3.05 -36.09 -17.93
CA GLN C 144 -3.95 -37.20 -17.65
C GLN C 144 -5.42 -36.86 -17.87
N GLY C 145 -5.68 -35.73 -18.52
CA GLY C 145 -7.05 -35.31 -18.80
C GLY C 145 -7.90 -35.07 -17.56
N GLU C 146 -7.25 -34.79 -16.44
CA GLU C 146 -7.93 -34.53 -15.18
C GLU C 146 -8.06 -33.02 -14.98
N GLU C 147 -9.02 -32.60 -14.17
CA GLU C 147 -9.19 -31.18 -13.92
C GLU C 147 -8.38 -30.75 -12.70
N TYR C 148 -8.09 -29.46 -12.62
CA TYR C 148 -7.33 -28.90 -11.51
C TYR C 148 -8.26 -28.13 -10.59
N VAL C 149 -8.05 -28.23 -9.28
CA VAL C 149 -8.89 -27.52 -8.33
C VAL C 149 -8.09 -26.58 -7.44
N ASP C 150 -8.74 -25.51 -7.00
CA ASP C 150 -8.15 -24.50 -6.11
C ASP C 150 -6.67 -24.70 -5.86
N GLY C 151 -6.35 -25.36 -4.75
CA GLY C 151 -4.96 -25.63 -4.41
C GLY C 151 -4.76 -27.08 -4.01
N MET C 152 -5.34 -27.98 -4.80
CA MET C 152 -5.25 -29.40 -4.55
C MET C 152 -3.82 -29.95 -4.52
N GLU C 153 -2.88 -29.19 -5.04
CA GLU C 153 -1.49 -29.65 -5.04
C GLU C 153 -0.97 -29.83 -3.62
N TRP C 154 -1.65 -29.22 -2.65
CA TRP C 154 -1.22 -29.32 -1.25
C TRP C 154 -2.05 -30.23 -0.36
N TRP C 155 -3.08 -30.86 -0.91
CA TRP C 155 -3.94 -31.74 -0.12
C TRP C 155 -3.28 -33.06 0.26
N ASN C 156 -2.56 -33.64 -0.68
CA ASN C 156 -1.91 -34.91 -0.42
C ASN C 156 -0.43 -34.96 -0.77
N PHE C 157 0.32 -35.73 0.01
CA PHE C 157 1.75 -35.90 -0.24
C PHE C 157 1.95 -36.69 -1.53
N ASN C 158 3.00 -36.36 -2.27
CA ASN C 158 3.34 -37.07 -3.49
C ASN C 158 4.85 -36.95 -3.68
N GLU C 159 5.43 -37.72 -4.59
CA GLU C 159 6.87 -37.67 -4.78
C GLU C 159 7.40 -36.40 -5.42
N GLU C 160 6.56 -35.72 -6.19
CA GLU C 160 7.01 -34.47 -6.80
C GLU C 160 7.28 -33.50 -5.63
N MET C 161 6.40 -33.53 -4.64
CA MET C 161 6.51 -32.68 -3.45
C MET C 161 7.80 -33.01 -2.68
N MET C 162 8.09 -34.30 -2.55
CA MET C 162 9.30 -34.74 -1.87
C MET C 162 10.53 -34.19 -2.59
N ASP C 163 10.51 -34.22 -3.92
CA ASP C 163 11.63 -33.75 -4.72
C ASP C 163 11.85 -32.23 -4.54
N TYR C 164 10.76 -31.49 -4.37
CA TYR C 164 10.86 -30.06 -4.16
C TYR C 164 11.39 -29.79 -2.75
N ASN C 165 11.02 -30.64 -1.80
CA ASN C 165 11.44 -30.51 -0.41
C ASN C 165 12.97 -30.67 -0.38
N VAL C 166 13.48 -31.65 -1.12
CA VAL C 166 14.92 -31.89 -1.17
C VAL C 166 15.60 -30.66 -1.83
N GLN C 167 15.02 -30.16 -2.92
CA GLN C 167 15.57 -28.99 -3.60
C GLN C 167 15.67 -27.77 -2.69
N ASP C 168 14.68 -27.59 -1.81
CA ASP C 168 14.68 -26.47 -0.88
C ASP C 168 15.91 -26.52 0.01
N VAL C 169 16.24 -27.71 0.48
CA VAL C 169 17.38 -27.89 1.34
C VAL C 169 18.70 -27.69 0.61
N VAL C 170 18.79 -28.09 -0.67
CA VAL C 170 20.04 -27.88 -1.38
C VAL C 170 20.21 -26.38 -1.63
N VAL C 171 19.11 -25.70 -1.95
CA VAL C 171 19.17 -24.26 -2.18
C VAL C 171 19.39 -23.51 -0.86
N THR C 172 18.67 -23.89 0.19
CA THR C 172 18.82 -23.22 1.49
C THR C 172 20.27 -23.36 1.97
N LYS C 173 20.84 -24.54 1.79
CA LYS C 173 22.23 -24.77 2.18
C LYS C 173 23.14 -23.83 1.38
N ALA C 174 22.90 -23.77 0.07
CA ALA C 174 23.69 -22.90 -0.79
C ALA C 174 23.56 -21.46 -0.29
N LEU C 175 22.32 -21.01 -0.06
CA LEU C 175 22.07 -19.68 0.45
C LEU C 175 22.88 -19.47 1.74
N LEU C 176 22.74 -20.41 2.67
CA LEU C 176 23.44 -20.34 3.96
C LEU C 176 24.93 -20.05 3.82
N GLU C 177 25.60 -20.83 2.96
CA GLU C 177 27.04 -20.67 2.76
C GLU C 177 27.44 -19.36 2.08
N LYS C 178 26.58 -18.84 1.21
CA LYS C 178 26.85 -17.59 0.54
C LYS C 178 26.75 -16.46 1.58
N LEU C 179 25.74 -16.51 2.43
CA LEU C 179 25.59 -15.49 3.47
C LEU C 179 26.71 -15.64 4.50
N LEU C 180 27.05 -16.88 4.84
CA LEU C 180 28.13 -17.11 5.81
C LEU C 180 29.49 -16.66 5.29
N SER C 181 29.59 -16.39 4.00
CA SER C 181 30.87 -15.98 3.44
C SER C 181 31.06 -14.46 3.46
N ASP C 182 30.17 -13.75 4.14
CA ASP C 182 30.29 -12.29 4.24
C ASP C 182 31.11 -12.01 5.51
N LYS C 183 32.39 -11.71 5.31
CA LYS C 183 33.30 -11.44 6.43
C LYS C 183 32.89 -10.27 7.31
N HIS C 184 32.02 -9.39 6.81
CA HIS C 184 31.60 -8.26 7.64
C HIS C 184 30.70 -8.75 8.79
N TYR C 185 29.99 -9.85 8.56
CA TYR C 185 29.10 -10.39 9.58
C TYR C 185 29.66 -11.64 10.21
N PHE C 186 30.44 -12.39 9.45
CA PHE C 186 31.02 -13.64 9.94
C PHE C 186 32.54 -13.69 9.74
N PRO C 187 33.31 -13.56 10.83
CA PRO C 187 34.78 -13.61 10.75
C PRO C 187 35.24 -14.86 9.99
N PRO C 188 36.07 -14.68 8.95
CA PRO C 188 36.59 -15.77 8.11
C PRO C 188 37.38 -16.88 8.83
N GLU C 189 37.94 -16.58 10.00
CA GLU C 189 38.72 -17.57 10.73
C GLU C 189 37.88 -18.65 11.38
N ILE C 190 36.57 -18.51 11.34
CA ILE C 190 35.66 -19.46 11.98
C ILE C 190 34.73 -20.12 10.97
N ASP C 191 34.60 -21.44 11.07
CA ASP C 191 33.72 -22.21 10.19
C ASP C 191 32.40 -22.26 10.97
N PHE C 192 31.45 -21.42 10.55
CA PHE C 192 30.17 -21.36 11.25
C PHE C 192 29.21 -22.54 11.02
N THR C 193 29.59 -23.45 10.14
CA THR C 193 28.74 -24.62 9.92
C THR C 193 29.24 -25.72 10.84
N ASP C 194 30.26 -25.41 11.62
CA ASP C 194 30.84 -26.38 12.54
C ASP C 194 31.05 -25.85 13.96
N VAL C 195 30.04 -25.17 14.50
CA VAL C 195 30.12 -24.65 15.87
C VAL C 195 28.81 -24.82 16.62
N GLY C 196 28.88 -24.72 17.94
CA GLY C 196 27.68 -24.84 18.77
C GLY C 196 26.89 -23.54 18.67
N TYR C 197 25.62 -23.57 19.05
CA TYR C 197 24.79 -22.37 18.96
C TYR C 197 25.38 -21.18 19.72
N THR C 198 25.87 -21.41 20.93
CA THR C 198 26.42 -20.30 21.70
C THR C 198 27.60 -19.63 20.99
N THR C 199 28.42 -20.42 20.29
CA THR C 199 29.56 -19.86 19.57
C THR C 199 29.08 -19.06 18.37
N PHE C 200 28.07 -19.58 17.68
CA PHE C 200 27.53 -18.93 16.50
C PHE C 200 27.02 -17.52 16.81
N TRP C 201 26.30 -17.37 17.91
CA TRP C 201 25.75 -16.07 18.27
C TRP C 201 26.80 -15.10 18.79
N SER C 202 27.72 -15.58 19.62
CA SER C 202 28.74 -14.71 20.20
C SER C 202 29.90 -14.31 19.29
N GLU C 203 30.26 -15.16 18.33
CA GLU C 203 31.38 -14.86 17.44
C GLU C 203 30.96 -14.05 16.19
N SER C 204 29.68 -14.06 15.85
CA SER C 204 29.23 -13.29 14.69
C SER C 204 28.84 -11.88 15.09
N LEU C 205 28.65 -11.01 14.10
CA LEU C 205 28.28 -9.63 14.35
C LEU C 205 26.96 -9.58 15.12
N GLU C 206 26.90 -8.68 16.11
CA GLU C 206 25.74 -8.51 16.96
C GLU C 206 24.42 -8.43 16.18
N ALA C 207 24.47 -7.81 15.00
CA ALA C 207 23.27 -7.66 14.18
C ALA C 207 22.61 -8.99 13.85
N VAL C 208 23.41 -10.05 13.76
CA VAL C 208 22.89 -11.36 13.45
C VAL C 208 22.02 -11.89 14.59
N ASP C 209 22.51 -11.75 15.82
CA ASP C 209 21.79 -12.20 16.99
C ASP C 209 20.53 -11.38 17.17
N ILE C 210 20.64 -10.08 16.97
CA ILE C 210 19.51 -9.16 17.12
C ILE C 210 18.38 -9.39 16.10
N GLU C 211 18.74 -9.64 14.84
CA GLU C 211 17.71 -9.87 13.83
C GLU C 211 16.94 -11.17 14.06
N HIS C 212 17.64 -12.24 14.46
CA HIS C 212 16.95 -13.51 14.75
C HIS C 212 16.02 -13.35 15.97
N ARG C 213 16.46 -12.62 17.00
CA ARG C 213 15.59 -12.41 18.16
C ARG C 213 14.36 -11.60 17.73
N ALA C 214 14.56 -10.57 16.91
CA ALA C 214 13.44 -9.75 16.45
C ALA C 214 12.45 -10.55 15.61
N ALA C 215 12.95 -11.37 14.71
CA ALA C 215 12.05 -12.16 13.88
C ALA C 215 11.31 -13.19 14.73
N TRP C 216 11.97 -13.68 15.78
CA TRP C 216 11.33 -14.68 16.64
C TRP C 216 10.20 -14.00 17.42
N LEU C 217 10.47 -12.83 18.00
CA LEU C 217 9.46 -12.11 18.76
C LEU C 217 8.27 -11.66 17.87
N LEU C 218 8.57 -11.07 16.71
CA LEU C 218 7.52 -10.59 15.81
C LEU C 218 6.69 -11.71 15.18
N ALA C 219 7.28 -12.90 15.07
CA ALA C 219 6.57 -14.04 14.53
C ALA C 219 5.44 -14.34 15.54
N LYS C 220 5.79 -14.29 16.82
CA LYS C 220 4.83 -14.52 17.90
C LYS C 220 3.77 -13.41 17.90
N GLN C 221 4.20 -12.16 17.66
CA GLN C 221 3.27 -11.04 17.61
C GLN C 221 2.24 -11.26 16.51
N GLU C 222 2.69 -11.80 15.38
CA GLU C 222 1.81 -12.11 14.26
C GLU C 222 0.79 -13.17 14.71
N ARG C 223 1.30 -14.21 15.37
CA ARG C 223 0.45 -15.29 15.86
C ARG C 223 -0.56 -14.76 16.88
N ASN C 224 -0.14 -13.79 17.70
CA ASN C 224 -1.06 -13.22 18.70
C ASN C 224 -2.22 -12.50 18.00
N GLY C 225 -1.86 -11.64 17.04
CA GLY C 225 -2.86 -10.87 16.31
C GLY C 225 -3.25 -9.64 17.11
N PHE C 226 -4.09 -8.78 16.53
CA PHE C 226 -4.53 -7.58 17.24
C PHE C 226 -6.05 -7.69 17.40
N PRO C 227 -6.54 -7.77 18.66
CA PRO C 227 -7.98 -7.87 18.92
C PRO C 227 -8.70 -6.77 18.13
N PHE C 228 -9.67 -7.17 17.31
CA PHE C 228 -10.36 -6.22 16.45
C PHE C 228 -11.88 -6.23 16.63
N ASP C 229 -12.48 -5.04 16.70
CA ASP C 229 -13.92 -4.89 16.88
C ASP C 229 -14.68 -4.83 15.55
N THR C 230 -14.93 -5.98 14.97
CA THR C 230 -15.62 -6.09 13.70
C THR C 230 -16.96 -5.34 13.64
N LYS C 231 -17.85 -5.62 14.59
CA LYS C 231 -19.14 -4.95 14.61
C LYS C 231 -19.01 -3.44 14.54
N ALA C 232 -18.08 -2.88 15.31
CA ALA C 232 -17.90 -1.44 15.32
C ALA C 232 -17.46 -0.89 13.98
N ILE C 233 -16.71 -1.68 13.23
CA ILE C 233 -16.24 -1.22 11.94
C ILE C 233 -17.27 -1.45 10.85
N GLU C 234 -18.10 -2.48 11.02
CA GLU C 234 -19.15 -2.74 10.06
C GLU C 234 -20.18 -1.60 10.16
N GLU C 235 -20.32 -1.03 11.35
CA GLU C 235 -21.26 0.07 11.57
C GLU C 235 -20.67 1.38 11.08
N LEU C 236 -19.36 1.53 11.22
CA LEU C 236 -18.71 2.74 10.73
C LEU C 236 -18.86 2.68 9.21
N TYR C 237 -18.73 1.48 8.65
CA TYR C 237 -18.86 1.29 7.20
C TYR C 237 -20.23 1.71 6.69
N VAL C 238 -21.28 1.41 7.45
CA VAL C 238 -22.63 1.80 7.07
C VAL C 238 -22.74 3.32 7.10
N GLU C 239 -22.18 3.92 8.14
CA GLU C 239 -22.19 5.37 8.31
C GLU C 239 -21.45 6.08 7.17
N LEU C 240 -20.26 5.58 6.84
CA LEU C 240 -19.45 6.18 5.77
C LEU C 240 -20.09 5.94 4.41
N ALA C 241 -20.70 4.77 4.23
CA ALA C 241 -21.36 4.44 2.97
C ALA C 241 -22.54 5.36 2.67
N ALA C 242 -23.27 5.76 3.70
CA ALA C 242 -24.43 6.64 3.52
C ALA C 242 -23.97 8.06 3.21
N ARG C 243 -22.88 8.48 3.84
CA ARG C 243 -22.35 9.81 3.62
C ARG C 243 -21.73 9.88 2.21
N ARG C 244 -21.15 8.77 1.77
CA ARG C 244 -20.56 8.71 0.43
C ARG C 244 -21.67 8.89 -0.60
N SER C 245 -22.77 8.15 -0.42
CA SER C 245 -23.93 8.21 -1.32
C SER C 245 -24.48 9.64 -1.40
N GLU C 246 -24.72 10.24 -0.24
CA GLU C 246 -25.25 11.59 -0.18
C GLU C 246 -24.33 12.60 -0.88
N LEU C 247 -23.02 12.43 -0.70
CA LEU C 247 -22.07 13.32 -1.35
C LEU C 247 -22.09 13.06 -2.87
N LEU C 248 -22.37 11.82 -3.27
CA LEU C 248 -22.43 11.48 -4.68
C LEU C 248 -23.66 12.15 -5.30
N ARG C 249 -24.78 12.02 -4.61
CA ARG C 249 -26.04 12.60 -5.06
C ARG C 249 -25.86 14.10 -5.28
N LYS C 250 -25.35 14.79 -4.25
CA LYS C 250 -25.12 16.23 -4.31
C LYS C 250 -24.14 16.67 -5.39
N LEU C 251 -23.13 15.84 -5.66
CA LEU C 251 -22.13 16.19 -6.66
C LEU C 251 -22.56 15.91 -8.10
N THR C 252 -23.27 14.81 -8.31
CA THR C 252 -23.72 14.51 -9.67
C THR C 252 -24.86 15.44 -10.08
N GLU C 253 -25.38 16.20 -9.12
CA GLU C 253 -26.43 17.16 -9.41
C GLU C 253 -25.75 18.45 -9.83
N THR C 254 -24.68 18.80 -9.14
CA THR C 254 -23.91 20.00 -9.43
C THR C 254 -23.10 19.86 -10.72
N PHE C 255 -22.46 18.71 -10.89
CA PHE C 255 -21.65 18.43 -12.07
C PHE C 255 -22.34 17.34 -12.88
N GLY C 256 -23.06 17.75 -13.93
CA GLY C 256 -23.76 16.77 -14.74
C GLY C 256 -22.85 15.89 -15.56
N SER C 257 -23.41 14.79 -16.05
CA SER C 257 -22.70 13.82 -16.86
C SER C 257 -22.47 14.37 -18.28
N TRP C 258 -21.57 13.75 -19.01
CA TRP C 258 -21.25 14.19 -20.36
C TRP C 258 -20.93 13.02 -21.27
N TYR C 259 -20.57 13.32 -22.52
CA TYR C 259 -20.22 12.29 -23.46
C TYR C 259 -18.76 12.34 -23.85
N GLN C 260 -18.19 11.17 -24.12
CA GLN C 260 -16.79 11.06 -24.51
C GLN C 260 -16.65 10.03 -25.63
N PRO C 261 -15.69 10.25 -26.52
CA PRO C 261 -15.46 9.31 -27.62
C PRO C 261 -14.95 7.99 -27.04
N LYS C 262 -15.46 6.87 -27.56
CA LYS C 262 -15.06 5.57 -27.06
C LYS C 262 -15.39 4.43 -28.02
N GLY C 263 -14.41 3.57 -28.27
CA GLY C 263 -14.62 2.43 -29.16
C GLY C 263 -14.34 2.71 -30.63
N GLY C 264 -13.70 3.83 -30.92
CA GLY C 264 -13.40 4.15 -32.31
C GLY C 264 -12.16 3.41 -32.77
N THR C 265 -12.20 2.92 -34.00
CA THR C 265 -11.07 2.20 -34.57
C THR C 265 -10.37 2.96 -35.69
N GLU C 266 -11.14 3.35 -36.70
CA GLU C 266 -10.59 4.08 -37.85
C GLU C 266 -10.21 5.52 -37.53
N MET C 267 -9.10 5.96 -38.12
CA MET C 267 -8.63 7.34 -37.97
C MET C 267 -9.53 8.23 -38.82
N PHE C 268 -9.91 9.39 -38.31
CA PHE C 268 -10.74 10.30 -39.08
C PHE C 268 -9.85 11.05 -40.08
N CYS C 269 -10.22 11.00 -41.35
CA CYS C 269 -9.44 11.66 -42.39
C CYS C 269 -10.26 12.77 -43.04
N HIS C 270 -9.61 13.88 -43.37
CA HIS C 270 -10.31 15.00 -43.99
C HIS C 270 -10.92 14.54 -45.32
N PRO C 271 -12.26 14.73 -45.48
CA PRO C 271 -13.01 14.33 -46.69
C PRO C 271 -12.56 15.00 -47.98
N ARG C 272 -11.94 16.18 -47.85
CA ARG C 272 -11.47 16.93 -49.01
C ARG C 272 -10.04 16.53 -49.34
N THR C 273 -9.14 16.80 -48.40
CA THR C 273 -7.73 16.50 -48.58
C THR C 273 -7.42 15.01 -48.50
N GLY C 274 -7.98 14.34 -47.49
CA GLY C 274 -7.71 12.93 -47.32
C GLY C 274 -6.70 12.81 -46.19
N LYS C 275 -6.28 13.98 -45.71
CA LYS C 275 -5.32 14.13 -44.63
C LYS C 275 -5.79 13.54 -43.30
N PRO C 276 -5.02 12.59 -42.73
CA PRO C 276 -5.38 11.97 -41.46
C PRO C 276 -5.41 13.00 -40.34
N LEU C 277 -6.44 12.95 -39.50
CA LEU C 277 -6.56 13.89 -38.40
C LEU C 277 -6.52 13.17 -37.05
N PRO C 278 -5.32 12.77 -36.60
CA PRO C 278 -5.05 12.07 -35.34
C PRO C 278 -5.62 12.73 -34.09
N LYS C 279 -5.74 14.05 -34.11
CA LYS C 279 -6.25 14.81 -32.96
C LYS C 279 -7.77 14.66 -32.80
N TYR C 280 -8.45 14.28 -33.88
CA TYR C 280 -9.89 14.07 -33.87
C TYR C 280 -10.17 12.69 -33.27
N PRO C 281 -11.38 12.49 -32.71
CA PRO C 281 -11.73 11.19 -32.13
C PRO C 281 -11.80 10.12 -33.22
N ARG C 282 -11.65 8.86 -32.83
CA ARG C 282 -11.72 7.77 -33.80
C ARG C 282 -13.16 7.59 -34.26
N ILE C 283 -13.34 6.96 -35.41
CA ILE C 283 -14.68 6.73 -35.93
C ILE C 283 -14.89 5.27 -36.32
N LYS C 284 -16.10 4.97 -36.74
CA LYS C 284 -16.46 3.64 -37.19
C LYS C 284 -17.30 3.82 -38.44
N THR C 285 -16.89 3.18 -39.53
CA THR C 285 -17.62 3.26 -40.78
C THR C 285 -18.48 1.99 -40.86
N PRO C 286 -19.82 2.14 -40.75
CA PRO C 286 -20.70 0.98 -40.82
C PRO C 286 -20.47 0.15 -42.09
N LYS C 287 -20.20 -1.15 -41.89
CA LYS C 287 -19.96 -2.08 -42.98
C LYS C 287 -21.15 -2.21 -43.91
N VAL C 288 -22.33 -2.37 -43.33
CA VAL C 288 -23.57 -2.51 -44.10
C VAL C 288 -24.57 -1.39 -43.78
N GLY C 289 -25.83 -1.62 -44.13
CA GLY C 289 -26.86 -0.64 -43.87
C GLY C 289 -27.26 0.18 -45.09
N GLY C 290 -28.54 0.55 -45.13
CA GLY C 290 -29.05 1.35 -46.24
C GLY C 290 -30.37 1.97 -45.84
N ILE C 291 -30.86 2.91 -46.66
CA ILE C 291 -32.12 3.55 -46.36
C ILE C 291 -33.21 2.48 -46.42
N PHE C 292 -33.59 2.10 -47.64
CA PHE C 292 -34.62 1.08 -47.86
C PHE C 292 -33.99 -0.21 -48.40
N CYS C 307 -39.77 -1.26 -51.97
CA CYS C 307 -38.76 -1.95 -51.15
C CYS C 307 -39.01 -1.72 -49.66
N GLU C 308 -38.83 -2.76 -48.87
CA GLU C 308 -39.04 -2.66 -47.42
C GLU C 308 -37.94 -1.85 -46.74
N LEU C 309 -38.34 -0.72 -46.17
CA LEU C 309 -37.41 0.16 -45.47
C LEU C 309 -36.50 -0.66 -44.56
N ASP C 310 -35.26 -0.20 -44.42
CA ASP C 310 -34.29 -0.88 -43.56
C ASP C 310 -34.33 -0.25 -42.17
N THR C 311 -34.84 -1.00 -41.19
CA THR C 311 -34.92 -0.50 -39.83
C THR C 311 -33.54 -0.22 -39.27
N ARG C 312 -32.51 -0.74 -39.95
CA ARG C 312 -31.13 -0.52 -39.52
C ARG C 312 -30.83 0.97 -39.50
N GLU C 313 -30.16 1.43 -38.45
CA GLU C 313 -29.84 2.84 -38.30
C GLU C 313 -28.53 3.24 -38.97
N TYR C 314 -27.66 2.25 -39.21
CA TYR C 314 -26.38 2.54 -39.85
C TYR C 314 -26.48 2.54 -41.37
N VAL C 315 -25.56 3.25 -42.01
CA VAL C 315 -25.52 3.33 -43.46
C VAL C 315 -24.08 3.25 -43.96
N ALA C 316 -23.81 2.24 -44.79
CA ALA C 316 -22.50 2.00 -45.36
C ALA C 316 -21.87 3.28 -45.90
N GLY C 317 -20.63 3.53 -45.48
CA GLY C 317 -19.92 4.71 -45.94
C GLY C 317 -20.06 5.92 -45.03
N ALA C 318 -21.21 6.05 -44.39
CA ALA C 318 -21.49 7.17 -43.49
C ALA C 318 -20.87 6.90 -42.11
N PRO C 319 -19.73 7.54 -41.83
CA PRO C 319 -18.99 7.41 -40.57
C PRO C 319 -19.64 8.10 -39.39
N TYR C 320 -19.25 7.65 -38.19
CA TYR C 320 -19.75 8.23 -36.95
C TYR C 320 -18.76 8.01 -35.82
N THR C 321 -18.88 8.82 -34.78
CA THR C 321 -17.98 8.70 -33.65
C THR C 321 -18.65 7.97 -32.49
N PRO C 322 -18.14 6.78 -32.15
CA PRO C 322 -18.68 5.96 -31.05
C PRO C 322 -18.46 6.71 -29.74
N VAL C 323 -19.47 6.76 -28.90
CA VAL C 323 -19.31 7.48 -27.64
C VAL C 323 -19.96 6.77 -26.47
N GLU C 324 -19.51 7.13 -25.28
CA GLU C 324 -20.04 6.57 -24.05
C GLU C 324 -20.53 7.70 -23.15
N HIS C 325 -21.49 7.39 -22.30
CA HIS C 325 -22.01 8.37 -21.37
C HIS C 325 -21.23 8.17 -20.08
N VAL C 326 -20.65 9.23 -19.56
CA VAL C 326 -19.88 9.10 -18.33
C VAL C 326 -20.44 9.99 -17.22
N VAL C 327 -20.63 9.38 -16.06
CA VAL C 327 -21.14 10.08 -14.89
C VAL C 327 -19.98 10.66 -14.08
N PHE C 328 -20.19 11.83 -13.49
CA PHE C 328 -19.16 12.47 -12.70
C PHE C 328 -18.72 11.55 -11.57
N ASN C 329 -17.41 11.31 -11.48
CA ASN C 329 -16.86 10.45 -10.43
C ASN C 329 -15.90 11.27 -9.59
N PRO C 330 -16.31 11.58 -8.35
CA PRO C 330 -15.53 12.37 -7.39
C PRO C 330 -14.16 11.73 -7.06
N SER C 331 -14.00 10.43 -7.34
CA SER C 331 -12.72 9.78 -7.07
C SER C 331 -11.76 9.95 -8.25
N SER C 332 -12.25 10.57 -9.33
CA SER C 332 -11.40 10.79 -10.50
C SER C 332 -10.85 12.21 -10.52
N ARG C 333 -9.54 12.31 -10.42
CA ARG C 333 -8.86 13.61 -10.43
C ARG C 333 -9.01 14.18 -11.83
N ASP C 334 -9.21 13.28 -12.79
CA ASP C 334 -9.39 13.67 -14.18
C ASP C 334 -10.75 14.38 -14.29
N HIS C 335 -11.80 13.76 -13.74
CA HIS C 335 -13.14 14.35 -13.75
C HIS C 335 -13.13 15.69 -12.99
N ILE C 336 -12.49 15.70 -11.83
CA ILE C 336 -12.44 16.90 -11.01
C ILE C 336 -11.70 18.01 -11.75
N GLN C 337 -10.64 17.62 -12.45
CA GLN C 337 -9.82 18.56 -13.21
C GLN C 337 -10.61 19.18 -14.36
N LYS C 338 -11.42 18.36 -15.02
CA LYS C 338 -12.24 18.79 -16.16
C LYS C 338 -13.31 19.80 -15.75
N LYS C 339 -14.08 19.47 -14.73
CA LYS C 339 -15.16 20.32 -14.25
C LYS C 339 -14.70 21.65 -13.65
N LEU C 340 -13.66 21.62 -12.83
CA LEU C 340 -13.19 22.85 -12.20
C LEU C 340 -12.64 23.86 -13.19
N GLN C 341 -12.07 23.38 -14.29
CA GLN C 341 -11.53 24.30 -15.29
C GLN C 341 -12.69 24.87 -16.09
N GLU C 342 -13.68 24.03 -16.36
CA GLU C 342 -14.86 24.48 -17.10
C GLU C 342 -15.60 25.44 -16.21
N ALA C 343 -15.06 25.65 -15.01
CA ALA C 343 -15.67 26.55 -14.04
C ALA C 343 -14.80 27.79 -13.89
N GLY C 344 -13.65 27.78 -14.55
CA GLY C 344 -12.75 28.92 -14.50
C GLY C 344 -11.41 28.69 -13.80
N TRP C 345 -11.21 27.49 -13.24
CA TRP C 345 -9.94 27.23 -12.57
C TRP C 345 -8.77 27.10 -13.54
N VAL C 346 -7.71 27.82 -13.24
CA VAL C 346 -6.51 27.77 -14.06
C VAL C 346 -5.40 27.09 -13.25
N PRO C 347 -5.11 25.82 -13.55
CA PRO C 347 -4.08 25.02 -12.87
C PRO C 347 -2.75 25.77 -12.74
N THR C 348 -2.21 25.82 -11.51
CA THR C 348 -0.95 26.50 -11.24
C THR C 348 0.26 25.55 -11.25
N LYS C 349 0.04 24.30 -10.87
CA LYS C 349 1.12 23.31 -10.84
C LYS C 349 0.74 21.99 -11.50
N TYR C 350 1.63 21.47 -12.33
CA TYR C 350 1.38 20.23 -13.05
C TYR C 350 2.35 19.12 -12.68
N THR C 351 2.01 17.90 -13.08
CA THR C 351 2.85 16.72 -12.79
C THR C 351 3.67 16.42 -14.04
N ASP C 352 4.70 15.59 -13.89
CA ASP C 352 5.55 15.25 -15.02
C ASP C 352 4.92 14.17 -15.90
N LYS C 353 3.91 14.57 -16.66
CA LYS C 353 3.20 13.69 -17.57
C LYS C 353 2.13 14.49 -18.31
N GLY C 354 1.93 15.73 -17.88
CA GLY C 354 0.96 16.59 -18.53
C GLY C 354 -0.32 16.89 -17.76
N ALA C 355 -0.54 16.21 -16.64
CA ALA C 355 -1.75 16.43 -15.86
C ALA C 355 -1.49 17.41 -14.71
N PRO C 356 -2.49 18.27 -14.41
CA PRO C 356 -2.35 19.24 -13.32
C PRO C 356 -2.54 18.53 -11.99
N VAL C 357 -1.88 19.03 -10.95
CA VAL C 357 -2.00 18.42 -9.63
C VAL C 357 -3.37 18.68 -9.04
N VAL C 358 -4.03 17.61 -8.61
CA VAL C 358 -5.34 17.70 -8.00
C VAL C 358 -5.39 16.98 -6.66
N ASP C 359 -4.73 17.55 -5.66
CA ASP C 359 -4.77 16.95 -4.33
C ASP C 359 -5.44 17.91 -3.35
N ASP C 360 -5.69 17.41 -2.14
CA ASP C 360 -6.36 18.20 -1.12
C ASP C 360 -5.76 19.61 -0.94
N GLU C 361 -4.45 19.74 -1.09
CA GLU C 361 -3.81 21.05 -0.94
C GLU C 361 -4.21 22.02 -2.04
N VAL C 362 -4.07 21.62 -3.30
CA VAL C 362 -4.46 22.48 -4.40
C VAL C 362 -5.96 22.75 -4.33
N LEU C 363 -6.76 21.70 -4.18
CA LEU C 363 -8.21 21.84 -4.09
C LEU C 363 -8.61 22.88 -3.03
N GLU C 364 -7.83 22.95 -1.95
CA GLU C 364 -8.11 23.90 -0.87
C GLU C 364 -7.92 25.32 -1.36
N GLY C 365 -7.06 25.50 -2.36
CA GLY C 365 -6.79 26.82 -2.87
C GLY C 365 -7.50 27.20 -4.16
N VAL C 366 -8.26 26.28 -4.74
CA VAL C 366 -8.99 26.58 -5.96
C VAL C 366 -10.06 27.59 -5.62
N ARG C 367 -10.30 28.53 -6.53
CA ARG C 367 -11.32 29.57 -6.32
C ARG C 367 -12.06 29.80 -7.62
N VAL C 368 -13.33 29.42 -7.67
CA VAL C 368 -14.15 29.62 -8.87
C VAL C 368 -15.31 30.58 -8.61
N ASP C 369 -15.86 31.13 -9.68
CA ASP C 369 -16.99 32.06 -9.58
C ASP C 369 -18.25 31.45 -8.98
N ASP C 370 -18.88 30.53 -9.71
CA ASP C 370 -20.10 29.89 -9.23
C ASP C 370 -19.92 29.48 -7.77
N PRO C 371 -20.72 30.06 -6.87
CA PRO C 371 -20.62 29.73 -5.45
C PRO C 371 -21.01 28.28 -5.15
N GLU C 372 -21.91 27.72 -5.95
CA GLU C 372 -22.32 26.34 -5.74
C GLU C 372 -21.17 25.40 -6.06
N LYS C 373 -20.52 25.60 -7.20
CA LYS C 373 -19.40 24.77 -7.61
C LYS C 373 -18.24 25.02 -6.65
N GLN C 374 -18.20 26.21 -6.06
CA GLN C 374 -17.15 26.55 -5.12
C GLN C 374 -17.37 25.70 -3.86
N ALA C 375 -18.62 25.57 -3.44
CA ALA C 375 -18.94 24.79 -2.26
C ALA C 375 -18.78 23.29 -2.53
N ALA C 376 -18.96 22.90 -3.80
CA ALA C 376 -18.84 21.51 -4.20
C ALA C 376 -17.43 20.99 -4.00
N ILE C 377 -16.48 21.91 -3.92
CA ILE C 377 -15.09 21.52 -3.72
C ILE C 377 -14.90 20.84 -2.37
N ASP C 378 -15.47 21.42 -1.31
CA ASP C 378 -15.37 20.83 0.02
C ASP C 378 -16.05 19.46 0.05
N LEU C 379 -17.14 19.32 -0.69
CA LEU C 379 -17.86 18.05 -0.73
C LEU C 379 -16.96 17.02 -1.38
N ILE C 380 -16.17 17.47 -2.35
CA ILE C 380 -15.26 16.61 -3.05
C ILE C 380 -14.12 16.19 -2.13
N LYS C 381 -13.56 17.12 -1.38
CA LYS C 381 -12.48 16.77 -0.47
C LYS C 381 -13.02 15.80 0.59
N GLU C 382 -14.25 16.04 1.04
CA GLU C 382 -14.86 15.17 2.04
C GLU C 382 -15.03 13.78 1.41
N TYR C 383 -15.53 13.75 0.19
CA TYR C 383 -15.75 12.50 -0.52
C TYR C 383 -14.48 11.67 -0.65
N LEU C 384 -13.37 12.32 -0.97
CA LEU C 384 -12.10 11.61 -1.13
C LEU C 384 -11.65 11.01 0.21
N MET C 385 -11.74 11.79 1.28
CA MET C 385 -11.35 11.31 2.59
C MET C 385 -12.23 10.14 3.02
N ILE C 386 -13.52 10.19 2.71
CA ILE C 386 -14.44 9.11 3.08
C ILE C 386 -14.04 7.81 2.35
N GLN C 387 -13.74 7.91 1.06
CA GLN C 387 -13.33 6.74 0.28
C GLN C 387 -12.05 6.15 0.85
N LYS C 388 -11.14 7.03 1.28
CA LYS C 388 -9.88 6.57 1.83
C LYS C 388 -10.20 5.68 3.05
N ARG C 389 -11.11 6.13 3.90
CA ARG C 389 -11.48 5.35 5.08
C ARG C 389 -12.22 4.08 4.71
N ILE C 390 -13.12 4.15 3.75
CA ILE C 390 -13.89 2.98 3.33
C ILE C 390 -13.01 1.91 2.71
N GLY C 391 -12.07 2.34 1.88
CA GLY C 391 -11.17 1.42 1.22
C GLY C 391 -10.21 0.76 2.19
N GLN C 392 -9.76 1.50 3.19
CA GLN C 392 -8.83 0.93 4.16
C GLN C 392 -9.50 0.01 5.17
N SER C 393 -10.72 0.34 5.58
CA SER C 393 -11.42 -0.46 6.57
C SER C 393 -12.35 -1.54 6.05
N ALA C 394 -12.95 -1.33 4.88
CA ALA C 394 -13.91 -2.29 4.37
C ALA C 394 -13.84 -2.76 2.92
N GLU C 395 -13.70 -1.84 1.98
CA GLU C 395 -13.71 -2.20 0.58
C GLU C 395 -12.38 -2.48 -0.09
N GLY C 396 -11.29 -1.94 0.46
CA GLY C 396 -10.00 -2.18 -0.15
C GLY C 396 -9.66 -3.65 -0.19
N ASP C 397 -8.70 -3.99 -1.03
CA ASP C 397 -8.25 -5.36 -1.19
C ASP C 397 -7.69 -5.90 0.14
N LYS C 398 -7.02 -5.01 0.87
CA LYS C 398 -6.42 -5.34 2.17
C LYS C 398 -7.22 -4.69 3.30
N ALA C 399 -8.51 -4.47 3.07
CA ALA C 399 -9.36 -3.86 4.10
C ALA C 399 -9.33 -4.67 5.38
N TRP C 400 -9.50 -4.01 6.53
CA TRP C 400 -9.49 -4.71 7.81
C TRP C 400 -10.58 -5.78 7.90
N LEU C 401 -11.76 -5.48 7.37
CA LEU C 401 -12.87 -6.43 7.41
C LEU C 401 -12.66 -7.72 6.63
N ARG C 402 -11.72 -7.72 5.70
CA ARG C 402 -11.44 -8.92 4.91
C ARG C 402 -10.38 -9.76 5.64
N TYR C 403 -9.59 -9.10 6.50
CA TYR C 403 -8.53 -9.77 7.25
C TYR C 403 -8.84 -10.26 8.67
N VAL C 404 -9.95 -9.83 9.27
CA VAL C 404 -10.28 -10.29 10.62
C VAL C 404 -10.46 -11.82 10.61
N ALA C 405 -9.68 -12.52 11.44
CA ALA C 405 -9.78 -13.98 11.51
C ALA C 405 -10.93 -14.43 12.42
N GLU C 406 -11.08 -15.75 12.56
CA GLU C 406 -12.13 -16.32 13.41
C GLU C 406 -11.95 -15.99 14.90
N ASP C 407 -10.71 -15.88 15.35
CA ASP C 407 -10.44 -15.56 16.75
C ASP C 407 -10.68 -14.09 17.08
N GLY C 408 -11.32 -13.36 16.17
CA GLY C 408 -11.60 -11.95 16.40
C GLY C 408 -10.39 -11.02 16.37
N LYS C 409 -9.32 -11.45 15.71
CA LYS C 409 -8.10 -10.65 15.65
C LYS C 409 -7.57 -10.52 14.23
N ILE C 410 -6.86 -9.42 13.97
CA ILE C 410 -6.24 -9.22 12.68
C ILE C 410 -4.75 -9.54 12.84
N HIS C 411 -4.30 -10.51 12.06
CA HIS C 411 -2.93 -10.96 12.10
C HIS C 411 -2.09 -10.35 10.98
N GLY C 412 -1.73 -9.08 11.16
CA GLY C 412 -0.92 -8.38 10.19
C GLY C 412 0.47 -8.98 10.09
N SER C 413 1.03 -8.94 8.90
CA SER C 413 2.35 -9.47 8.68
C SER C 413 3.38 -8.39 8.93
N VAL C 414 4.59 -8.81 9.32
CA VAL C 414 5.66 -7.87 9.58
C VAL C 414 6.96 -8.41 9.01
N ASN C 415 7.65 -7.60 8.22
CA ASN C 415 8.95 -7.99 7.69
C ASN C 415 9.84 -7.22 8.69
N PRO C 416 10.36 -7.91 9.70
CA PRO C 416 11.21 -7.32 10.75
C PRO C 416 12.34 -6.40 10.28
N ASN C 417 12.84 -6.63 9.07
CA ASN C 417 13.93 -5.81 8.56
C ASN C 417 13.64 -5.45 7.11
N GLY C 418 12.41 -5.00 6.87
CA GLY C 418 11.99 -4.64 5.52
C GLY C 418 12.56 -3.38 4.88
N ALA C 419 12.98 -2.39 5.67
CA ALA C 419 13.54 -1.16 5.11
C ALA C 419 15.05 -1.17 5.19
N VAL C 420 15.71 -0.46 4.27
CA VAL C 420 17.17 -0.37 4.28
C VAL C 420 17.75 0.11 5.61
N THR C 421 17.06 1.01 6.30
CA THR C 421 17.56 1.54 7.57
C THR C 421 17.52 0.55 8.75
N GLY C 422 16.83 -0.56 8.56
CA GLY C 422 16.76 -1.52 9.64
C GLY C 422 15.38 -1.48 10.24
N ARG C 423 14.54 -0.59 9.71
CA ARG C 423 13.18 -0.47 10.18
C ARG C 423 12.41 -1.67 9.63
N ALA C 424 11.29 -1.99 10.25
CA ALA C 424 10.47 -3.08 9.79
C ALA C 424 9.40 -2.55 8.83
N THR C 425 8.79 -3.44 8.04
CA THR C 425 7.70 -3.01 7.16
C THR C 425 6.51 -3.86 7.57
N HIS C 426 5.32 -3.33 7.39
CA HIS C 426 4.10 -4.01 7.80
C HIS C 426 3.14 -4.14 6.63
N ALA C 427 2.43 -5.26 6.56
CA ALA C 427 1.50 -5.48 5.46
C ALA C 427 0.49 -6.61 5.70
N PHE C 428 -0.61 -6.57 4.95
CA PHE C 428 -1.65 -7.59 5.00
C PHE C 428 -2.44 -7.71 6.30
N PRO C 429 -2.98 -6.60 6.80
CA PRO C 429 -2.89 -5.27 6.21
C PRO C 429 -1.78 -4.54 6.97
N ASN C 430 -1.45 -3.33 6.53
CA ASN C 430 -0.40 -2.57 7.20
C ASN C 430 -0.98 -1.95 8.48
N LEU C 431 -0.63 -2.51 9.64
CA LEU C 431 -1.12 -1.99 10.91
C LEU C 431 -0.32 -0.77 11.37
N ALA C 432 0.60 -0.33 10.52
CA ALA C 432 1.43 0.84 10.82
C ALA C 432 0.88 2.06 10.11
N GLN C 433 -0.30 1.94 9.48
CA GLN C 433 -0.91 3.07 8.78
C GLN C 433 -2.37 3.30 9.18
N ILE C 434 -2.73 2.89 10.40
CA ILE C 434 -4.09 3.09 10.91
C ILE C 434 -4.25 4.59 11.13
N PRO C 435 -5.38 5.16 10.69
CA PRO C 435 -5.58 6.60 10.88
C PRO C 435 -5.40 7.03 12.33
N GLY C 436 -4.67 8.13 12.53
CA GLY C 436 -4.43 8.64 13.86
C GLY C 436 -5.66 9.31 14.45
N VAL C 437 -5.70 9.41 15.78
CA VAL C 437 -6.83 10.02 16.46
C VAL C 437 -7.04 11.46 16.01
N ARG C 438 -5.97 12.13 15.59
CA ARG C 438 -6.04 13.52 15.14
C ARG C 438 -6.59 13.69 13.72
N SER C 439 -7.06 12.61 13.10
CA SER C 439 -7.61 12.72 11.76
C SER C 439 -9.08 12.30 11.76
N PRO C 440 -9.84 12.69 10.72
CA PRO C 440 -11.27 12.34 10.61
C PRO C 440 -11.54 10.84 10.77
N TYR C 441 -12.47 10.51 11.68
CA TYR C 441 -12.84 9.13 11.97
C TYR C 441 -11.71 8.35 12.60
N GLY C 442 -10.62 9.06 12.91
CA GLY C 442 -9.46 8.41 13.51
C GLY C 442 -9.77 7.72 14.84
N GLU C 443 -10.49 8.40 15.72
CA GLU C 443 -10.82 7.81 17.01
C GLU C 443 -11.60 6.51 16.89
N GLN C 444 -12.59 6.48 16.01
CA GLN C 444 -13.37 5.26 15.82
C GLN C 444 -12.52 4.15 15.22
N CYS C 445 -11.68 4.48 14.25
CA CYS C 445 -10.80 3.50 13.63
C CYS C 445 -9.88 2.92 14.68
N ARG C 446 -9.21 3.81 15.39
CA ARG C 446 -8.26 3.48 16.43
C ARG C 446 -8.88 2.67 17.59
N ALA C 447 -10.08 3.05 17.99
CA ALA C 447 -10.77 2.37 19.08
C ALA C 447 -11.13 0.92 18.75
N ALA C 448 -11.22 0.60 17.46
CA ALA C 448 -11.56 -0.75 17.06
C ALA C 448 -10.40 -1.72 17.22
N PHE C 449 -9.20 -1.20 17.47
CA PHE C 449 -8.04 -2.07 17.69
C PHE C 449 -7.73 -1.95 19.18
N GLY C 450 -7.98 -3.00 19.95
CA GLY C 450 -7.69 -2.91 21.37
C GLY C 450 -7.80 -4.18 22.17
N ALA C 451 -7.03 -4.24 23.26
CA ALA C 451 -7.03 -5.38 24.16
C ALA C 451 -8.41 -5.63 24.74
N GLU C 452 -9.22 -4.58 24.86
CA GLU C 452 -10.57 -4.74 25.41
C GLU C 452 -11.42 -5.69 24.55
N HIS C 453 -11.13 -5.74 23.25
CA HIS C 453 -11.88 -6.59 22.33
C HIS C 453 -11.50 -8.05 22.44
N HIS C 454 -10.56 -8.36 23.33
CA HIS C 454 -10.19 -9.75 23.55
C HIS C 454 -10.71 -10.12 24.94
N LEU C 455 -11.48 -11.21 25.01
CA LEU C 455 -12.02 -11.67 26.30
C LEU C 455 -11.15 -12.82 26.79
N ASP C 456 -10.77 -12.77 28.07
CA ASP C 456 -9.92 -13.79 28.62
C ASP C 456 -10.46 -15.20 28.39
N GLY C 457 -9.58 -16.10 27.97
CA GLY C 457 -9.96 -17.47 27.69
C GLY C 457 -10.53 -18.21 28.87
N ILE C 458 -10.17 -17.81 30.09
CA ILE C 458 -10.69 -18.47 31.28
C ILE C 458 -11.84 -17.68 31.90
N THR C 459 -11.56 -16.44 32.30
CA THR C 459 -12.55 -15.61 32.96
C THR C 459 -13.53 -14.86 32.07
N GLY C 460 -13.23 -14.76 30.79
CA GLY C 460 -14.10 -14.05 29.88
C GLY C 460 -14.05 -12.54 30.07
N LYS C 461 -13.14 -12.05 30.93
CA LYS C 461 -13.05 -10.62 31.15
C LYS C 461 -12.13 -9.97 30.13
N PRO C 462 -12.50 -8.77 29.65
CA PRO C 462 -11.66 -8.09 28.66
C PRO C 462 -10.25 -7.83 29.15
N TRP C 463 -9.31 -7.81 28.21
CA TRP C 463 -7.93 -7.53 28.55
C TRP C 463 -7.71 -6.04 28.52
N VAL C 464 -6.57 -5.60 29.04
CA VAL C 464 -6.22 -4.19 29.10
C VAL C 464 -5.04 -3.94 28.18
N GLN C 465 -4.94 -2.71 27.68
CA GLN C 465 -3.88 -2.36 26.76
C GLN C 465 -2.82 -1.43 27.36
N ALA C 466 -1.57 -1.74 27.04
CA ALA C 466 -0.43 -0.93 27.50
C ALA C 466 0.25 -0.36 26.26
N GLY C 467 0.11 0.94 26.02
CA GLY C 467 0.73 1.56 24.87
C GLY C 467 1.98 2.30 25.31
N ILE C 468 3.12 2.00 24.70
CA ILE C 468 4.39 2.63 25.07
C ILE C 468 5.20 3.09 23.86
N ASP C 469 5.71 4.31 23.91
CA ASP C 469 6.51 4.80 22.80
C ASP C 469 7.76 5.49 23.30
N ALA C 470 8.81 5.46 22.49
CA ALA C 470 10.07 6.10 22.83
C ALA C 470 9.82 7.60 22.75
N SER C 471 10.40 8.36 23.67
CA SER C 471 10.22 9.81 23.70
C SER C 471 11.22 10.54 22.79
N GLY C 472 10.70 11.35 21.87
CA GLY C 472 11.54 12.11 20.95
C GLY C 472 12.78 11.37 20.48
N LEU C 473 12.60 10.10 20.15
CA LEU C 473 13.73 9.27 19.74
C LEU C 473 14.60 9.89 18.64
N GLU C 474 13.98 10.42 17.60
CA GLU C 474 14.73 11.01 16.50
C GLU C 474 15.63 12.18 16.94
N LEU C 475 15.12 13.07 17.78
CA LEU C 475 15.94 14.19 18.23
C LEU C 475 17.08 13.75 19.15
N ARG C 476 16.86 12.69 19.94
CA ARG C 476 17.89 12.19 20.83
C ARG C 476 18.98 11.44 20.06
N CYS C 477 18.62 10.88 18.91
CA CYS C 477 19.60 10.18 18.10
C CYS C 477 20.49 11.25 17.49
N LEU C 478 19.89 12.40 17.17
CA LEU C 478 20.65 13.49 16.60
C LEU C 478 21.58 14.02 17.69
N ALA C 479 21.02 14.26 18.87
CA ALA C 479 21.81 14.76 20.00
C ALA C 479 22.99 13.85 20.29
N HIS C 480 22.76 12.54 20.18
CA HIS C 480 23.83 11.56 20.44
C HIS C 480 25.00 11.70 19.49
N PHE C 481 24.71 11.70 18.19
CA PHE C 481 25.73 11.80 17.17
C PHE C 481 26.43 13.15 17.10
N MET C 482 25.82 14.18 17.66
CA MET C 482 26.48 15.47 17.63
C MET C 482 27.25 15.76 18.92
N ALA C 483 27.15 14.85 19.88
CA ALA C 483 27.86 15.00 21.16
C ALA C 483 29.36 15.00 20.95
N ARG C 484 29.82 14.34 19.90
CA ARG C 484 31.24 14.29 19.59
C ARG C 484 31.70 15.69 19.17
N PHE C 485 30.74 16.54 18.80
CA PHE C 485 31.04 17.89 18.36
C PHE C 485 30.66 18.96 19.37
N ASP C 486 29.56 18.77 20.09
CA ASP C 486 29.11 19.76 21.08
C ASP C 486 29.28 19.28 22.52
N ASN C 487 29.94 18.13 22.69
CA ASN C 487 30.21 17.56 24.01
C ASN C 487 28.99 17.26 24.89
N GLY C 488 27.87 16.91 24.26
CA GLY C 488 26.66 16.59 25.00
C GLY C 488 25.70 17.75 25.20
N GLU C 489 26.09 18.92 24.71
CA GLU C 489 25.29 20.13 24.85
C GLU C 489 23.85 20.00 24.38
N TYR C 490 23.66 19.57 23.13
CA TYR C 490 22.33 19.41 22.59
C TYR C 490 21.53 18.37 23.38
N ALA C 491 22.20 17.30 23.80
CA ALA C 491 21.55 16.26 24.58
C ALA C 491 21.12 16.83 25.93
N HIS C 492 22.02 17.60 26.54
CA HIS C 492 21.74 18.21 27.82
C HIS C 492 20.49 19.09 27.75
N GLU C 493 20.35 19.84 26.67
CA GLU C 493 19.20 20.73 26.50
C GLU C 493 17.89 19.97 26.32
N ILE C 494 17.95 18.82 25.67
CA ILE C 494 16.74 18.02 25.43
C ILE C 494 16.09 17.56 26.74
N LEU C 495 16.90 17.10 27.68
CA LEU C 495 16.37 16.60 28.94
C LEU C 495 16.39 17.55 30.14
N ASN C 496 16.85 18.78 29.94
CA ASN C 496 16.92 19.73 31.05
C ASN C 496 16.50 21.15 30.67
N GLY C 497 16.17 21.35 29.40
CA GLY C 497 15.76 22.66 28.96
C GLY C 497 14.64 22.60 27.95
N ASP C 498 14.73 23.41 26.90
CA ASP C 498 13.72 23.43 25.86
C ASP C 498 14.40 23.59 24.50
N ILE C 499 14.77 22.46 23.90
CA ILE C 499 15.45 22.49 22.60
C ILE C 499 14.58 23.13 21.52
N HIS C 500 13.27 23.09 21.70
CA HIS C 500 12.37 23.67 20.72
C HIS C 500 12.48 25.19 20.68
N THR C 501 12.75 25.80 21.84
CA THR C 501 12.91 27.25 21.89
C THR C 501 14.33 27.52 21.37
N LYS C 502 15.23 26.60 21.71
CA LYS C 502 16.63 26.70 21.31
C LYS C 502 16.79 26.63 19.80
N ASN C 503 15.98 25.80 19.14
CA ASN C 503 16.06 25.69 17.69
C ASN C 503 15.38 26.94 17.10
N GLN C 504 14.32 27.38 17.77
CA GLN C 504 13.55 28.54 17.36
C GLN C 504 14.49 29.74 17.18
N ILE C 505 15.24 30.05 18.23
CA ILE C 505 16.18 31.16 18.19
C ILE C 505 17.19 30.98 17.05
N ALA C 506 17.79 29.78 16.97
CA ALA C 506 18.77 29.48 15.94
C ALA C 506 18.21 29.63 14.53
N ALA C 507 16.91 29.40 14.38
CA ALA C 507 16.27 29.51 13.07
C ALA C 507 15.65 30.89 12.87
N GLU C 508 15.49 31.63 13.97
CA GLU C 508 14.90 32.97 13.95
C GLU C 508 13.39 32.86 13.75
N LEU C 509 12.89 31.63 13.83
CA LEU C 509 11.46 31.36 13.64
C LEU C 509 10.57 32.07 14.67
N PRO C 510 9.36 32.49 14.25
CA PRO C 510 8.37 33.18 15.07
C PRO C 510 8.06 32.53 16.41
N THR C 511 7.15 31.56 16.41
CA THR C 511 6.77 30.86 17.63
C THR C 511 7.62 29.63 17.94
N ARG C 512 7.30 28.98 19.06
CA ARG C 512 8.01 27.79 19.49
C ARG C 512 7.42 26.57 18.78
N ASP C 513 6.15 26.68 18.40
CA ASP C 513 5.46 25.60 17.69
C ASP C 513 6.00 25.53 16.26
N ASN C 514 6.54 26.64 15.78
CA ASN C 514 7.11 26.68 14.44
C ASN C 514 8.34 25.79 14.42
N ALA C 515 9.09 25.84 15.52
CA ALA C 515 10.31 25.04 15.68
C ALA C 515 10.05 23.54 15.65
N LYS C 516 9.05 23.09 16.42
CA LYS C 516 8.72 21.67 16.48
C LYS C 516 8.38 21.18 15.07
N THR C 517 7.73 22.03 14.29
CA THR C 517 7.36 21.69 12.92
C THR C 517 8.61 21.69 12.05
N PHE C 518 9.46 22.69 12.27
CA PHE C 518 10.69 22.84 11.51
C PHE C 518 11.68 21.70 11.74
N ILE C 519 11.96 21.41 13.01
CA ILE C 519 12.92 20.36 13.34
C ILE C 519 12.44 18.97 12.91
N TYR C 520 11.25 18.56 13.35
CA TYR C 520 10.73 17.26 12.97
C TYR C 520 10.62 17.16 11.46
N GLY C 521 10.49 18.30 10.79
CA GLY C 521 10.40 18.30 9.34
C GLY C 521 11.80 18.20 8.77
N PHE C 522 12.71 18.95 9.36
CA PHE C 522 14.12 18.98 8.96
C PHE C 522 14.71 17.58 9.00
N LEU C 523 14.20 16.73 9.89
CA LEU C 523 14.69 15.37 10.04
C LEU C 523 14.00 14.35 9.12
N TYR C 524 12.83 14.72 8.60
CA TYR C 524 12.10 13.82 7.70
C TYR C 524 12.09 14.36 6.27
N GLY C 525 13.18 15.01 5.88
CA GLY C 525 13.29 15.55 4.54
C GLY C 525 12.74 16.97 4.37
N ALA C 526 11.65 17.09 3.62
CA ALA C 526 11.01 18.37 3.36
C ALA C 526 11.91 19.33 2.59
N GLY C 527 11.29 20.26 1.86
CA GLY C 527 12.04 21.23 1.09
C GLY C 527 11.82 22.65 1.58
N ASP C 528 12.47 23.62 0.94
CA ASP C 528 12.35 25.02 1.32
C ASP C 528 10.90 25.48 1.32
N GLU C 529 10.12 24.94 0.38
CA GLU C 529 8.71 25.27 0.26
C GLU C 529 7.94 24.88 1.53
N LYS C 530 8.02 23.60 1.91
CA LYS C 530 7.34 23.09 3.09
C LYS C 530 7.90 23.76 4.34
N ILE C 531 9.22 23.98 4.34
CA ILE C 531 9.90 24.61 5.46
C ILE C 531 9.40 26.04 5.63
N GLY C 532 9.52 26.83 4.56
CA GLY C 532 9.08 28.21 4.61
C GLY C 532 7.58 28.35 4.79
N GLN C 533 6.85 27.30 4.40
CA GLN C 533 5.39 27.28 4.52
C GLN C 533 4.88 27.70 5.89
N ILE C 534 4.84 26.75 6.82
CA ILE C 534 4.36 27.03 8.17
C ILE C 534 5.17 28.15 8.81
N VAL C 535 6.29 28.52 8.18
CA VAL C 535 7.16 29.58 8.67
C VAL C 535 6.44 30.91 8.52
N GLY C 536 5.28 31.01 9.19
CA GLY C 536 4.47 32.20 9.12
C GLY C 536 3.55 32.02 7.92
N ALA C 537 4.16 31.92 6.74
CA ALA C 537 3.46 31.73 5.48
C ALA C 537 4.44 31.66 4.32
N GLY C 538 5.12 32.78 4.08
CA GLY C 538 6.08 32.88 2.99
C GLY C 538 6.83 31.63 2.59
N LYS C 539 6.20 30.82 1.74
CA LYS C 539 6.80 29.59 1.25
C LYS C 539 8.09 29.93 0.49
N GLU C 540 8.65 28.96 -0.20
CA GLU C 540 9.90 29.17 -0.95
C GLU C 540 10.87 29.90 -0.03
N ARG C 541 11.86 30.57 -0.63
CA ARG C 541 12.86 31.33 0.13
C ARG C 541 13.00 30.83 1.56
N GLY C 542 12.95 29.50 1.70
CA GLY C 542 13.08 28.88 3.00
C GLY C 542 14.48 28.33 3.11
N LYS C 543 15.41 28.99 2.43
CA LYS C 543 16.81 28.61 2.45
C LYS C 543 17.48 29.46 3.51
N GLU C 544 16.86 30.58 3.82
CA GLU C 544 17.36 31.51 4.83
C GLU C 544 17.13 30.92 6.22
N LEU C 545 15.96 30.34 6.42
CA LEU C 545 15.62 29.74 7.70
C LEU C 545 16.52 28.52 7.91
N LYS C 546 16.67 27.72 6.86
CA LYS C 546 17.50 26.52 6.91
C LYS C 546 19.00 26.82 6.86
N LYS C 547 19.35 28.11 6.76
CA LYS C 547 20.75 28.52 6.72
C LYS C 547 21.13 29.11 8.07
N LYS C 548 20.30 30.03 8.55
CA LYS C 548 20.52 30.68 9.83
C LYS C 548 20.51 29.62 10.92
N PHE C 549 19.85 28.51 10.64
CA PHE C 549 19.77 27.41 11.59
C PHE C 549 21.11 26.70 11.74
N LEU C 550 21.63 26.20 10.62
CA LEU C 550 22.91 25.50 10.62
C LEU C 550 24.05 26.41 11.04
N GLU C 551 23.81 27.71 11.00
CA GLU C 551 24.82 28.68 11.39
C GLU C 551 24.89 28.77 12.91
N ASN C 552 23.72 28.75 13.54
CA ASN C 552 23.63 28.85 14.99
C ASN C 552 23.57 27.47 15.66
N THR C 553 23.89 26.45 14.89
CA THR C 553 23.91 25.08 15.40
C THR C 553 25.03 24.37 14.64
N PRO C 554 26.26 24.89 14.73
CA PRO C 554 27.43 24.32 14.04
C PRO C 554 27.70 22.83 14.22
N ALA C 555 27.29 22.27 15.36
CA ALA C 555 27.53 20.84 15.60
C ALA C 555 26.85 19.96 14.56
N ILE C 556 25.65 20.35 14.13
CA ILE C 556 24.92 19.59 13.13
C ILE C 556 25.67 19.65 11.80
N ALA C 557 26.05 20.86 11.39
CA ALA C 557 26.79 21.03 10.13
C ALA C 557 28.06 20.19 10.19
N ALA C 558 28.70 20.19 11.35
CA ALA C 558 29.93 19.42 11.54
C ALA C 558 29.63 17.94 11.38
N LEU C 559 28.52 17.47 11.97
CA LEU C 559 28.12 16.07 11.86
C LEU C 559 27.98 15.67 10.40
N ARG C 560 27.35 16.54 9.62
CA ARG C 560 27.15 16.29 8.19
C ARG C 560 28.47 16.18 7.43
N GLU C 561 29.41 17.06 7.77
CA GLU C 561 30.71 17.05 7.11
C GLU C 561 31.42 15.72 7.36
N SER C 562 31.38 15.24 8.60
CA SER C 562 32.05 13.99 8.93
C SER C 562 31.38 12.79 8.24
N ILE C 563 30.05 12.81 8.18
CA ILE C 563 29.32 11.72 7.52
C ILE C 563 29.73 11.62 6.05
N GLN C 564 29.91 12.76 5.40
CA GLN C 564 30.29 12.79 3.99
C GLN C 564 31.73 12.37 3.73
N GLN C 565 32.65 12.83 4.58
CA GLN C 565 34.07 12.49 4.43
C GLN C 565 34.24 10.98 4.52
N THR C 566 33.20 10.32 5.03
CA THR C 566 33.19 8.88 5.20
C THR C 566 32.63 8.18 3.97
N LEU C 567 31.71 8.84 3.28
CA LEU C 567 31.07 8.24 2.11
C LEU C 567 31.57 8.65 0.74
N VAL C 568 32.03 9.90 0.59
CA VAL C 568 32.47 10.36 -0.73
C VAL C 568 33.81 11.07 -0.86
N GLU C 569 33.95 11.72 -2.01
CA GLU C 569 35.15 12.48 -2.38
C GLU C 569 34.86 13.25 -3.67
N LYS C 581 31.50 9.76 -7.05
CA LYS C 581 32.35 8.62 -6.71
C LYS C 581 32.29 8.37 -5.20
N TRP C 582 32.25 7.10 -4.81
CA TRP C 582 32.16 6.74 -3.41
C TRP C 582 33.39 6.07 -2.79
N LYS C 583 33.64 6.45 -1.55
CA LYS C 583 34.73 5.90 -0.77
C LYS C 583 34.13 4.63 -0.17
N ARG C 584 32.85 4.75 0.21
CA ARG C 584 32.08 3.64 0.79
C ARG C 584 30.60 3.97 0.58
N ARG C 585 29.82 3.00 0.15
CA ARG C 585 28.39 3.24 -0.10
C ARG C 585 27.48 2.89 1.08
N TRP C 586 28.04 2.78 2.29
CA TRP C 586 27.22 2.45 3.45
C TRP C 586 27.66 3.07 4.77
N ILE C 587 26.72 3.06 5.71
CA ILE C 587 26.90 3.59 7.05
C ILE C 587 26.88 2.40 8.04
N LYS C 588 27.71 2.46 9.07
CA LYS C 588 27.74 1.38 10.05
C LYS C 588 26.67 1.66 11.10
N GLY C 589 25.74 0.72 11.26
CA GLY C 589 24.68 0.89 12.24
C GLY C 589 25.11 0.62 13.67
N LEU C 590 24.24 0.96 14.62
CA LEU C 590 24.54 0.78 16.04
C LEU C 590 25.05 -0.61 16.41
N ASP C 591 24.58 -1.63 15.70
CA ASP C 591 24.99 -3.00 15.98
C ASP C 591 26.04 -3.54 15.01
N GLY C 592 26.65 -2.65 14.22
CA GLY C 592 27.69 -3.07 13.29
C GLY C 592 27.32 -3.33 11.85
N ARG C 593 26.04 -3.56 11.56
CA ARG C 593 25.62 -3.84 10.19
C ARG C 593 25.91 -2.70 9.22
N LYS C 594 25.90 -3.02 7.92
CA LYS C 594 26.11 -2.00 6.90
C LYS C 594 24.71 -1.49 6.59
N VAL C 595 24.57 -0.19 6.44
CA VAL C 595 23.28 0.38 6.09
C VAL C 595 23.51 1.15 4.82
N HIS C 596 23.01 0.59 3.72
CA HIS C 596 23.16 1.20 2.41
C HIS C 596 22.67 2.65 2.39
N VAL C 597 23.49 3.53 1.82
CA VAL C 597 23.13 4.93 1.70
C VAL C 597 22.72 5.12 0.23
N ARG C 598 21.50 5.59 0.03
CA ARG C 598 20.97 5.79 -1.32
C ARG C 598 21.41 7.14 -1.90
N SER C 599 21.44 8.17 -1.07
CA SER C 599 21.83 9.50 -1.50
C SER C 599 22.69 10.22 -0.48
N PRO C 600 23.81 10.81 -0.91
CA PRO C 600 24.71 11.53 -0.01
C PRO C 600 23.98 12.62 0.77
N HIS C 601 22.88 13.11 0.19
CA HIS C 601 22.08 14.15 0.82
C HIS C 601 21.14 13.63 1.91
N ALA C 602 20.79 12.36 1.84
CA ALA C 602 19.90 11.78 2.84
C ALA C 602 20.70 10.89 3.79
N ALA C 603 22.03 11.00 3.72
CA ALA C 603 22.94 10.23 4.55
C ALA C 603 22.69 10.40 6.05
N LEU C 604 22.62 11.64 6.52
CA LEU C 604 22.39 11.89 7.94
C LEU C 604 21.06 11.30 8.34
N ASN C 605 20.07 11.42 7.46
CA ASN C 605 18.75 10.88 7.75
C ASN C 605 18.85 9.37 7.85
N THR C 606 19.61 8.78 6.92
CA THR C 606 19.78 7.34 6.93
C THR C 606 20.41 6.95 8.27
N LEU C 607 21.42 7.69 8.70
CA LEU C 607 22.08 7.41 9.96
C LEU C 607 21.15 7.51 11.17
N LEU C 608 20.32 8.56 11.21
CA LEU C 608 19.40 8.75 12.33
C LEU C 608 18.24 7.77 12.32
N GLN C 609 17.59 7.59 11.18
CA GLN C 609 16.46 6.67 11.12
C GLN C 609 16.96 5.27 11.47
N SER C 610 18.13 4.90 10.96
CA SER C 610 18.70 3.57 11.25
C SER C 610 18.96 3.36 12.73
N ALA C 611 19.48 4.38 13.40
CA ALA C 611 19.76 4.27 14.82
C ALA C 611 18.45 4.16 15.61
N GLY C 612 17.42 4.90 15.20
CA GLY C 612 16.15 4.82 15.90
C GLY C 612 15.55 3.45 15.73
N ALA C 613 15.68 2.92 14.52
CA ALA C 613 15.16 1.61 14.19
C ALA C 613 15.83 0.52 15.02
N LEU C 614 17.15 0.56 15.11
CA LEU C 614 17.89 -0.45 15.86
C LEU C 614 17.67 -0.32 17.37
N ILE C 615 17.54 0.90 17.86
CA ILE C 615 17.29 1.10 19.27
C ILE C 615 15.92 0.51 19.61
N CYS C 616 14.91 0.86 18.81
CA CYS C 616 13.56 0.34 19.04
C CYS C 616 13.48 -1.17 18.84
N LYS C 617 14.31 -1.71 17.97
CA LYS C 617 14.28 -3.14 17.76
C LYS C 617 14.85 -3.86 18.99
N LEU C 618 16.04 -3.47 19.44
CA LEU C 618 16.64 -4.11 20.62
C LEU C 618 15.73 -3.85 21.83
N TRP C 619 15.11 -2.67 21.88
CA TRP C 619 14.22 -2.33 22.97
C TRP C 619 13.00 -3.25 23.12
N ILE C 620 12.29 -3.53 22.04
CA ILE C 620 11.14 -4.41 22.15
C ILE C 620 11.60 -5.82 22.51
N ILE C 621 12.82 -6.17 22.08
CA ILE C 621 13.37 -7.47 22.38
C ILE C 621 13.67 -7.59 23.87
N LYS C 622 14.38 -6.60 24.41
CA LYS C 622 14.76 -6.60 25.81
C LYS C 622 13.55 -6.51 26.73
N THR C 623 12.56 -5.73 26.33
CA THR C 623 11.33 -5.55 27.10
C THR C 623 10.66 -6.91 27.31
N GLU C 624 10.54 -7.68 26.23
CA GLU C 624 9.91 -8.98 26.31
C GLU C 624 10.77 -9.93 27.14
N GLU C 625 12.09 -9.89 26.97
CA GLU C 625 12.95 -10.78 27.74
C GLU C 625 12.86 -10.47 29.23
N MET C 626 12.73 -9.19 29.57
CA MET C 626 12.63 -8.80 30.97
C MET C 626 11.30 -9.23 31.59
N LEU C 627 10.22 -9.15 30.82
CA LEU C 627 8.90 -9.54 31.30
C LEU C 627 8.92 -11.02 31.57
N VAL C 628 9.52 -11.76 30.65
CA VAL C 628 9.62 -13.21 30.81
C VAL C 628 10.54 -13.59 31.96
N GLU C 629 11.58 -12.80 32.23
CA GLU C 629 12.46 -13.15 33.35
C GLU C 629 11.79 -12.73 34.66
N LYS C 630 10.65 -12.06 34.56
CA LYS C 630 9.92 -11.65 35.74
C LYS C 630 8.81 -12.65 36.03
N GLY C 631 8.69 -13.67 35.18
CA GLY C 631 7.67 -14.68 35.38
C GLY C 631 6.41 -14.54 34.54
N LEU C 632 6.31 -13.49 33.74
CA LEU C 632 5.14 -13.29 32.90
C LEU C 632 5.20 -14.19 31.66
N LYS C 633 4.05 -14.73 31.27
CA LYS C 633 3.96 -15.61 30.12
C LYS C 633 3.42 -14.87 28.89
N HIS C 634 4.13 -15.02 27.77
CA HIS C 634 3.72 -14.35 26.52
C HIS C 634 2.68 -15.17 25.76
N GLY C 635 1.48 -14.62 25.66
CA GLY C 635 0.39 -15.28 24.94
C GLY C 635 -0.97 -15.00 25.53
N TRP C 636 -2.02 -15.26 24.76
CA TRP C 636 -3.39 -15.04 25.23
C TRP C 636 -3.72 -16.04 26.35
N ASP C 637 -2.94 -17.11 26.43
CA ASP C 637 -3.16 -18.10 27.48
C ASP C 637 -2.23 -17.78 28.63
N GLY C 638 -1.64 -16.59 28.58
CA GLY C 638 -0.72 -16.17 29.64
C GLY C 638 -1.02 -14.86 30.33
N ASP C 639 -0.03 -13.96 30.34
CA ASP C 639 -0.15 -12.69 31.02
C ASP C 639 -0.17 -11.47 30.11
N PHE C 640 0.63 -11.50 29.05
CA PHE C 640 0.66 -10.38 28.10
C PHE C 640 0.79 -10.88 26.67
N ALA C 641 0.57 -9.99 25.71
CA ALA C 641 0.66 -10.34 24.32
C ALA C 641 0.95 -9.13 23.43
N TYR C 642 2.08 -9.17 22.74
CA TYR C 642 2.48 -8.10 21.81
C TYR C 642 1.44 -8.08 20.70
N MET C 643 0.84 -6.92 20.45
CA MET C 643 -0.16 -6.81 19.40
C MET C 643 0.34 -6.04 18.17
N ALA C 644 1.17 -5.03 18.41
CA ALA C 644 1.72 -4.27 17.30
C ALA C 644 2.99 -3.53 17.65
N TRP C 645 3.86 -3.40 16.66
CA TRP C 645 5.10 -2.64 16.80
C TRP C 645 5.15 -1.69 15.62
N VAL C 646 4.94 -0.41 15.91
CA VAL C 646 4.93 0.61 14.88
C VAL C 646 6.08 1.61 15.03
N HIS C 647 7.25 1.18 14.58
CA HIS C 647 8.48 1.97 14.60
C HIS C 647 8.97 2.33 16.01
N ASP C 648 8.39 3.36 16.64
CA ASP C 648 8.83 3.77 17.97
C ASP C 648 7.82 3.54 19.10
N GLU C 649 6.88 2.62 18.90
CA GLU C 649 5.88 2.33 19.92
C GLU C 649 5.39 0.90 19.81
N ILE C 650 4.96 0.35 20.94
CA ILE C 650 4.40 -0.99 20.98
C ILE C 650 3.08 -0.91 21.70
N GLN C 651 2.15 -1.76 21.29
CA GLN C 651 0.85 -1.86 21.91
C GLN C 651 0.87 -3.30 22.43
N VAL C 652 0.68 -3.45 23.73
CA VAL C 652 0.72 -4.77 24.33
C VAL C 652 -0.56 -5.04 25.09
N GLY C 653 -1.09 -6.25 24.90
CA GLY C 653 -2.30 -6.66 25.60
C GLY C 653 -1.92 -7.27 26.91
N CYS C 654 -2.64 -6.91 27.97
CA CYS C 654 -2.36 -7.42 29.31
C CYS C 654 -3.61 -7.98 29.99
N ARG C 655 -3.47 -9.16 30.59
CA ARG C 655 -4.60 -9.80 31.25
C ARG C 655 -5.20 -8.91 32.34
N THR C 656 -4.36 -8.22 33.10
CA THR C 656 -4.85 -7.35 34.19
C THR C 656 -4.16 -5.98 34.17
N GLU C 657 -4.74 -5.03 34.90
CA GLU C 657 -4.16 -3.70 34.98
C GLU C 657 -2.81 -3.70 35.67
N GLU C 658 -2.65 -4.61 36.62
CA GLU C 658 -1.43 -4.74 37.37
C GLU C 658 -0.31 -5.16 36.39
N ILE C 659 -0.65 -6.02 35.45
CA ILE C 659 0.32 -6.47 34.46
C ILE C 659 0.60 -5.34 33.47
N ALA C 660 -0.43 -4.56 33.13
CA ALA C 660 -0.24 -3.44 32.22
C ALA C 660 0.79 -2.47 32.80
N GLN C 661 0.68 -2.18 34.08
CA GLN C 661 1.62 -1.27 34.74
C GLN C 661 3.03 -1.80 34.77
N VAL C 662 3.18 -3.12 34.96
CA VAL C 662 4.48 -3.74 35.00
C VAL C 662 5.17 -3.69 33.64
N VAL C 663 4.37 -3.78 32.57
CA VAL C 663 4.87 -3.73 31.21
C VAL C 663 5.38 -2.31 30.93
N ILE C 664 4.58 -1.33 31.32
CA ILE C 664 4.93 0.08 31.15
C ILE C 664 6.26 0.39 31.85
N GLU C 665 6.38 -0.03 33.11
CA GLU C 665 7.59 0.20 33.89
C GLU C 665 8.79 -0.53 33.31
N THR C 666 8.56 -1.77 32.87
CA THR C 666 9.61 -2.62 32.32
C THR C 666 10.13 -2.11 30.99
N ALA C 667 9.25 -1.50 30.20
CA ALA C 667 9.64 -0.97 28.91
C ALA C 667 10.60 0.20 29.10
N GLN C 668 10.43 0.93 30.21
CA GLN C 668 11.29 2.07 30.54
C GLN C 668 12.66 1.55 30.95
N GLU C 669 12.67 0.48 31.75
CA GLU C 669 13.93 -0.12 32.19
C GLU C 669 14.73 -0.63 30.98
N ALA C 670 14.04 -1.31 30.06
CA ALA C 670 14.68 -1.86 28.88
C ALA C 670 15.20 -0.74 27.97
N MET C 671 14.46 0.36 27.87
CA MET C 671 14.93 1.46 27.04
C MET C 671 16.24 1.99 27.65
N ARG C 672 16.26 2.16 28.97
CA ARG C 672 17.44 2.66 29.65
C ARG C 672 18.59 1.67 29.51
N TRP C 673 18.27 0.38 29.49
CA TRP C 673 19.27 -0.68 29.34
C TRP C 673 19.91 -0.61 27.93
N VAL C 674 19.08 -0.35 26.92
CA VAL C 674 19.55 -0.23 25.54
C VAL C 674 20.49 0.97 25.41
N GLY C 675 20.09 2.11 25.96
CA GLY C 675 20.91 3.30 25.89
C GLY C 675 22.28 3.07 26.50
N ASP C 676 22.30 2.34 27.61
CA ASP C 676 23.54 2.03 28.29
C ASP C 676 24.32 1.01 27.46
N HIS C 677 23.59 0.04 26.89
CA HIS C 677 24.19 -1.02 26.08
C HIS C 677 25.08 -0.49 24.95
N TRP C 678 24.60 0.54 24.26
CA TRP C 678 25.35 1.12 23.18
C TRP C 678 25.98 2.48 23.52
N ASN C 679 26.26 2.70 24.81
CA ASN C 679 26.89 3.93 25.25
C ASN C 679 26.27 5.19 24.62
N PHE C 680 24.96 5.31 24.62
CA PHE C 680 24.34 6.49 24.01
C PHE C 680 24.64 7.78 24.77
N ARG C 681 24.98 8.83 24.02
CA ARG C 681 25.33 10.10 24.61
C ARG C 681 24.15 10.97 25.00
N CYS C 682 22.95 10.42 24.83
CA CYS C 682 21.72 11.12 25.21
C CYS C 682 20.87 10.09 25.94
N LEU C 683 20.33 10.48 27.08
CA LEU C 683 19.49 9.57 27.85
C LEU C 683 18.24 9.24 27.06
N LEU C 684 17.88 7.97 27.01
CA LEU C 684 16.70 7.55 26.28
C LEU C 684 15.55 7.24 27.24
N ASP C 685 14.34 7.64 26.86
CA ASP C 685 13.16 7.43 27.69
C ASP C 685 11.94 6.92 26.92
N THR C 686 10.92 6.54 27.67
CA THR C 686 9.65 6.05 27.13
C THR C 686 8.48 6.65 27.94
N GLU C 687 7.31 6.71 27.31
CA GLU C 687 6.11 7.21 27.98
C GLU C 687 5.07 6.12 27.75
N GLY C 688 4.38 5.71 28.81
CA GLY C 688 3.39 4.67 28.67
C GLY C 688 1.99 5.07 29.12
N LYS C 689 1.00 4.53 28.44
CA LYS C 689 -0.39 4.81 28.76
C LYS C 689 -1.19 3.50 28.83
N MET C 690 -2.07 3.40 29.82
CA MET C 690 -2.90 2.22 30.00
C MET C 690 -4.33 2.56 29.58
N GLY C 691 -5.00 1.60 28.95
CA GLY C 691 -6.36 1.82 28.50
C GLY C 691 -6.93 0.61 27.81
N PRO C 692 -8.13 0.70 27.23
CA PRO C 692 -8.78 -0.43 26.54
C PRO C 692 -8.44 -0.62 25.06
N ASN C 693 -8.00 0.44 24.38
CA ASN C 693 -7.69 0.32 22.97
C ASN C 693 -6.66 1.31 22.49
N TRP C 694 -6.35 1.23 21.19
CA TRP C 694 -5.34 2.09 20.59
C TRP C 694 -5.68 3.58 20.61
N ALA C 695 -6.97 3.93 20.60
CA ALA C 695 -7.37 5.33 20.61
C ALA C 695 -7.05 6.01 21.93
N ILE C 696 -7.15 5.26 23.02
CA ILE C 696 -6.86 5.80 24.35
C ILE C 696 -5.38 5.73 24.68
N CYS C 697 -4.65 4.82 24.04
CA CYS C 697 -3.23 4.67 24.30
C CYS C 697 -2.40 5.35 23.21
N HIS C 698 -2.83 6.54 22.78
CA HIS C 698 -2.13 7.29 21.75
C HIS C 698 -1.00 8.14 22.34
N LYS D 3 -33.09 28.84 -40.40
CA LYS D 3 -33.97 27.68 -40.75
C LYS D 3 -33.95 26.58 -39.70
N ILE D 4 -32.75 26.18 -39.30
CA ILE D 4 -32.61 25.12 -38.31
C ILE D 4 -32.92 25.63 -36.90
N ILE D 5 -33.52 24.77 -36.08
CA ILE D 5 -33.86 25.13 -34.71
C ILE D 5 -32.77 24.69 -33.75
N HIS D 6 -32.19 25.64 -33.02
CA HIS D 6 -31.16 25.34 -32.06
C HIS D 6 -31.83 25.06 -30.71
N LEU D 7 -31.91 23.79 -30.34
CA LEU D 7 -32.57 23.35 -29.11
C LEU D 7 -31.72 23.44 -27.83
N THR D 8 -32.38 23.27 -26.69
CA THR D 8 -31.72 23.27 -25.39
C THR D 8 -32.42 22.17 -24.61
N ASP D 9 -31.83 21.75 -23.49
CA ASP D 9 -32.48 20.72 -22.67
C ASP D 9 -33.89 21.14 -22.25
N ASP D 10 -34.02 22.37 -21.76
CA ASP D 10 -35.31 22.89 -21.28
C ASP D 10 -36.36 23.19 -22.35
N SER D 11 -35.93 23.38 -23.60
CA SER D 11 -36.90 23.67 -24.66
C SER D 11 -37.25 22.44 -25.49
N PHE D 12 -36.50 21.35 -25.28
CA PHE D 12 -36.71 20.14 -26.07
C PHE D 12 -38.12 19.55 -26.02
N ASP D 13 -38.70 19.47 -24.83
CA ASP D 13 -40.03 18.92 -24.73
C ASP D 13 -41.03 19.63 -25.64
N THR D 14 -41.21 20.94 -25.44
CA THR D 14 -42.17 21.68 -26.25
C THR D 14 -41.75 21.92 -27.69
N ASP D 15 -40.46 22.08 -27.94
CA ASP D 15 -39.97 22.31 -29.31
C ASP D 15 -39.97 21.07 -30.18
N VAL D 16 -39.79 19.90 -29.56
CA VAL D 16 -39.72 18.64 -30.29
C VAL D 16 -40.90 17.70 -30.03
N LEU D 17 -41.01 17.24 -28.80
CA LEU D 17 -42.05 16.31 -28.41
C LEU D 17 -43.48 16.81 -28.63
N LYS D 18 -43.70 18.11 -28.61
CA LYS D 18 -45.03 18.65 -28.79
C LYS D 18 -45.15 19.48 -30.07
N ALA D 19 -44.22 19.26 -30.99
CA ALA D 19 -44.21 19.97 -32.27
C ALA D 19 -45.40 19.64 -33.16
N ASP D 20 -45.79 18.36 -33.15
CA ASP D 20 -46.92 17.89 -33.95
C ASP D 20 -46.65 17.94 -35.45
N GLY D 21 -45.55 18.58 -35.84
CA GLY D 21 -45.19 18.65 -37.25
C GLY D 21 -44.14 17.58 -37.55
N ALA D 22 -43.19 17.89 -38.44
CA ALA D 22 -42.13 16.95 -38.78
C ALA D 22 -40.80 17.49 -38.27
N ILE D 23 -40.23 16.84 -37.27
CA ILE D 23 -38.96 17.30 -36.69
C ILE D 23 -37.78 16.33 -36.77
N LEU D 24 -36.73 16.72 -37.49
CA LEU D 24 -35.54 15.88 -37.57
C LEU D 24 -34.54 16.50 -36.61
N VAL D 25 -34.13 15.75 -35.59
CA VAL D 25 -33.17 16.25 -34.61
C VAL D 25 -31.77 15.64 -34.83
N ASP D 26 -30.76 16.48 -34.72
CA ASP D 26 -29.39 16.02 -34.87
C ASP D 26 -28.61 16.22 -33.58
N PHE D 27 -28.28 15.12 -32.90
CA PHE D 27 -27.50 15.19 -31.68
C PHE D 27 -26.06 15.24 -32.14
N TRP D 28 -25.39 16.34 -31.83
CA TRP D 28 -24.03 16.53 -32.29
C TRP D 28 -23.11 17.13 -31.24
N ALA D 29 -21.82 17.15 -31.56
CA ALA D 29 -20.79 17.70 -30.67
C ALA D 29 -19.74 18.40 -31.50
N GLU D 30 -19.22 19.50 -30.98
CA GLU D 30 -18.21 20.29 -31.68
C GLU D 30 -16.94 19.51 -32.05
N TRP D 31 -16.59 18.50 -31.26
CA TRP D 31 -15.39 17.71 -31.47
C TRP D 31 -15.54 16.46 -32.34
N CYS D 32 -16.72 16.23 -32.88
CA CYS D 32 -16.95 15.05 -33.72
C CYS D 32 -16.72 15.35 -35.19
N GLY D 33 -15.79 14.61 -35.81
CA GLY D 33 -15.48 14.81 -37.22
C GLY D 33 -16.69 14.60 -38.10
N PRO D 34 -17.39 13.46 -37.95
CA PRO D 34 -18.57 13.16 -38.76
C PRO D 34 -19.62 14.25 -38.60
N CYS D 35 -19.78 14.73 -37.38
CA CYS D 35 -20.75 15.79 -37.11
C CYS D 35 -20.49 17.01 -37.98
N LYS D 36 -19.23 17.41 -38.05
CA LYS D 36 -18.84 18.55 -38.84
C LYS D 36 -19.14 18.33 -40.32
N MET D 37 -19.25 17.07 -40.72
CA MET D 37 -19.53 16.70 -42.10
C MET D 37 -20.99 16.86 -42.51
N ILE D 38 -21.91 16.35 -41.69
CA ILE D 38 -23.32 16.46 -42.02
C ILE D 38 -23.90 17.86 -41.76
N ALA D 39 -23.23 18.64 -40.91
CA ALA D 39 -23.71 19.97 -40.58
C ALA D 39 -24.08 20.78 -41.84
N PRO D 40 -23.15 20.87 -42.82
CA PRO D 40 -23.42 21.62 -44.05
C PRO D 40 -24.62 21.03 -44.79
N ILE D 41 -24.72 19.71 -44.76
CA ILE D 41 -25.82 19.04 -45.43
C ILE D 41 -27.15 19.47 -44.83
N LEU D 42 -27.29 19.31 -43.52
CA LEU D 42 -28.51 19.66 -42.82
C LEU D 42 -29.00 21.08 -43.13
N ASP D 43 -28.07 22.00 -43.31
CA ASP D 43 -28.42 23.39 -43.62
C ASP D 43 -29.19 23.45 -44.94
N GLU D 44 -28.78 22.62 -45.88
CA GLU D 44 -29.41 22.57 -47.19
C GLU D 44 -30.74 21.82 -47.13
N ILE D 45 -30.79 20.77 -46.32
CA ILE D 45 -32.01 19.98 -46.16
C ILE D 45 -33.12 20.81 -45.52
N ALA D 46 -32.74 21.68 -44.59
CA ALA D 46 -33.70 22.52 -43.90
C ALA D 46 -34.51 23.35 -44.90
N ASP D 47 -33.82 24.04 -45.80
CA ASP D 47 -34.49 24.86 -46.82
C ASP D 47 -35.40 24.03 -47.71
N GLU D 48 -34.79 23.11 -48.46
CA GLU D 48 -35.51 22.24 -49.37
C GLU D 48 -36.75 21.56 -48.77
N TYR D 49 -36.72 21.29 -47.47
CA TYR D 49 -37.86 20.63 -46.83
C TYR D 49 -38.69 21.58 -45.97
N GLN D 50 -38.42 22.88 -46.10
CA GLN D 50 -39.17 23.85 -45.33
C GLN D 50 -40.66 23.64 -45.62
N GLY D 51 -41.49 23.73 -44.59
CA GLY D 51 -42.91 23.53 -44.79
C GLY D 51 -43.24 22.08 -45.03
N LYS D 52 -42.28 21.20 -44.76
CA LYS D 52 -42.46 19.77 -44.93
C LYS D 52 -41.74 19.05 -43.80
N LEU D 53 -40.69 19.68 -43.28
CA LEU D 53 -39.89 19.14 -42.19
C LEU D 53 -39.18 20.28 -41.46
N THR D 54 -38.82 20.03 -40.20
CA THR D 54 -38.12 21.00 -39.37
C THR D 54 -36.81 20.41 -38.86
N VAL D 55 -35.68 20.99 -39.28
CA VAL D 55 -34.37 20.50 -38.86
C VAL D 55 -33.95 21.17 -37.56
N ALA D 56 -33.83 20.39 -36.49
CA ALA D 56 -33.44 20.89 -35.19
C ALA D 56 -32.15 20.22 -34.73
N LYS D 57 -31.29 20.99 -34.06
CA LYS D 57 -30.02 20.48 -33.57
C LYS D 57 -29.86 20.65 -32.06
N LEU D 58 -29.29 19.63 -31.43
CA LEU D 58 -29.03 19.65 -30.01
C LEU D 58 -27.58 19.27 -29.75
N ASN D 59 -26.81 20.25 -29.28
CA ASN D 59 -25.40 20.05 -28.97
C ASN D 59 -25.36 19.32 -27.63
N ILE D 60 -24.81 18.11 -27.61
CA ILE D 60 -24.77 17.30 -26.39
C ILE D 60 -23.80 17.73 -25.28
N ASP D 61 -22.85 18.62 -25.56
CA ASP D 61 -21.95 19.09 -24.51
C ASP D 61 -22.71 20.18 -23.75
N GLN D 62 -23.43 21.02 -24.51
CA GLN D 62 -24.20 22.11 -23.93
C GLN D 62 -25.51 21.68 -23.27
N ASN D 63 -26.12 20.62 -23.80
CA ASN D 63 -27.38 20.11 -23.27
C ASN D 63 -27.24 18.62 -22.97
N PRO D 64 -26.50 18.27 -21.90
CA PRO D 64 -26.24 16.91 -21.46
C PRO D 64 -27.42 16.08 -20.98
N GLY D 65 -28.56 16.70 -20.75
CA GLY D 65 -29.71 15.97 -20.24
C GLY D 65 -30.58 15.15 -21.19
N THR D 66 -30.76 15.62 -22.42
CA THR D 66 -31.62 14.93 -23.36
C THR D 66 -31.10 13.66 -24.05
N ALA D 67 -29.84 13.67 -24.49
CA ALA D 67 -29.29 12.50 -25.19
C ALA D 67 -29.47 11.18 -24.47
N PRO D 68 -29.09 11.09 -23.18
CA PRO D 68 -29.22 9.84 -22.42
C PRO D 68 -30.59 9.18 -22.52
N LYS D 69 -31.64 10.00 -22.47
CA LYS D 69 -33.00 9.47 -22.53
C LYS D 69 -33.30 8.72 -23.83
N TYR D 70 -32.46 8.90 -24.83
CA TYR D 70 -32.67 8.23 -26.10
C TYR D 70 -31.62 7.16 -26.43
N GLY D 71 -30.71 6.93 -25.48
CA GLY D 71 -29.69 5.92 -25.66
C GLY D 71 -28.63 6.17 -26.71
N ILE D 72 -28.28 7.43 -26.93
CA ILE D 72 -27.26 7.78 -27.91
C ILE D 72 -25.98 7.01 -27.59
N ARG D 73 -25.43 6.36 -28.61
CA ARG D 73 -24.18 5.59 -28.46
C ARG D 73 -23.13 6.08 -29.46
N GLY D 74 -23.60 6.77 -30.49
CA GLY D 74 -22.71 7.31 -31.51
C GLY D 74 -23.26 8.61 -32.03
N ILE D 75 -22.41 9.43 -32.64
CA ILE D 75 -22.84 10.72 -33.20
C ILE D 75 -22.13 10.96 -34.52
N PRO D 76 -22.76 11.73 -35.44
CA PRO D 76 -24.06 12.37 -35.32
C PRO D 76 -25.22 11.40 -35.30
N THR D 77 -26.24 11.71 -34.52
CA THR D 77 -27.43 10.87 -34.44
C THR D 77 -28.64 11.63 -34.94
N LEU D 78 -29.32 11.04 -35.91
CA LEU D 78 -30.51 11.64 -36.49
C LEU D 78 -31.75 10.93 -35.99
N LEU D 79 -32.60 11.67 -35.29
CA LEU D 79 -33.84 11.15 -34.75
C LEU D 79 -34.95 11.94 -35.39
N LEU D 80 -35.84 11.24 -36.08
CA LEU D 80 -36.96 11.88 -36.76
C LEU D 80 -38.21 11.70 -35.91
N PHE D 81 -38.60 12.75 -35.21
CA PHE D 81 -39.77 12.71 -34.35
C PHE D 81 -41.05 13.10 -35.07
N LYS D 82 -42.12 12.36 -34.78
CA LYS D 82 -43.43 12.60 -35.36
C LYS D 82 -44.40 12.57 -34.17
N ASN D 83 -45.16 13.66 -33.99
CA ASN D 83 -46.10 13.74 -32.89
C ASN D 83 -45.52 13.26 -31.56
N GLY D 84 -44.35 13.78 -31.21
CA GLY D 84 -43.72 13.42 -29.95
C GLY D 84 -43.07 12.05 -29.81
N GLU D 85 -43.02 11.28 -30.89
CA GLU D 85 -42.39 9.96 -30.83
C GLU D 85 -41.31 9.79 -31.89
N VAL D 86 -40.49 8.77 -31.70
CA VAL D 86 -39.41 8.48 -32.64
C VAL D 86 -39.90 7.58 -33.76
N ALA D 87 -39.93 8.13 -34.98
CA ALA D 87 -40.37 7.37 -36.15
C ALA D 87 -39.19 6.59 -36.72
N ALA D 88 -38.22 7.31 -37.27
CA ALA D 88 -37.03 6.69 -37.86
C ALA D 88 -35.80 6.99 -37.02
N THR D 89 -34.64 6.49 -37.47
CA THR D 89 -33.39 6.71 -36.76
C THR D 89 -32.19 6.36 -37.65
N LYS D 90 -31.10 7.09 -37.48
CA LYS D 90 -29.90 6.86 -38.29
C LYS D 90 -28.68 7.48 -37.61
N VAL D 91 -27.60 6.69 -37.51
CA VAL D 91 -26.37 7.16 -36.87
C VAL D 91 -25.25 7.29 -37.89
N GLY D 92 -24.72 8.50 -38.06
CA GLY D 92 -23.64 8.70 -39.01
C GLY D 92 -23.83 9.83 -39.99
N ALA D 93 -22.71 10.35 -40.50
CA ALA D 93 -22.72 11.45 -41.44
C ALA D 93 -23.17 10.99 -42.83
N LEU D 94 -24.47 11.03 -43.07
CA LEU D 94 -25.02 10.63 -44.36
C LEU D 94 -24.67 11.71 -45.38
N SER D 95 -24.86 11.39 -46.65
CA SER D 95 -24.59 12.35 -47.71
C SER D 95 -25.90 13.06 -48.05
N LYS D 96 -25.80 14.13 -48.83
CA LYS D 96 -26.98 14.89 -49.23
C LYS D 96 -28.03 13.98 -49.87
N GLY D 97 -27.56 13.02 -50.66
CA GLY D 97 -28.46 12.09 -51.31
C GLY D 97 -29.08 11.11 -50.33
N GLN D 98 -28.24 10.48 -49.51
CA GLN D 98 -28.70 9.51 -48.51
C GLN D 98 -29.75 10.13 -47.58
N LEU D 99 -29.60 11.42 -47.30
CA LEU D 99 -30.55 12.12 -46.43
C LEU D 99 -31.85 12.34 -47.17
N LYS D 100 -31.78 12.91 -48.37
CA LYS D 100 -32.98 13.15 -49.17
C LYS D 100 -33.81 11.87 -49.23
N GLU D 101 -33.14 10.73 -49.39
CA GLU D 101 -33.81 9.45 -49.45
C GLU D 101 -34.42 9.06 -48.11
N PHE D 102 -33.66 9.28 -47.04
CA PHE D 102 -34.13 8.95 -45.70
C PHE D 102 -35.43 9.68 -45.37
N LEU D 103 -35.46 10.97 -45.68
CA LEU D 103 -36.62 11.81 -45.42
C LEU D 103 -37.78 11.50 -46.36
N ASP D 104 -37.56 11.66 -47.66
CA ASP D 104 -38.59 11.41 -48.65
C ASP D 104 -39.32 10.09 -48.35
N ALA D 105 -38.55 9.06 -48.01
CA ALA D 105 -39.10 7.76 -47.70
C ALA D 105 -39.92 7.80 -46.42
N ASN D 106 -39.28 8.16 -45.32
CA ASN D 106 -39.94 8.22 -44.00
C ASN D 106 -40.99 9.31 -43.86
N LEU D 107 -41.26 10.03 -44.95
CA LEU D 107 -42.26 11.10 -44.94
C LEU D 107 -43.43 10.75 -45.84
MG MG E . 10.10 -23.53 3.78
#